data_3MR1
#
_entry.id   3MR1
#
_cell.length_a   42.480
_cell.length_b   114.850
_cell.length_c   115.800
_cell.angle_alpha   90.00
_cell.angle_beta   92.66
_cell.angle_gamma   90.00
#
_symmetry.space_group_name_H-M   'P 1 21 1'
#
loop_
_entity.id
_entity.type
_entity.pdbx_description
1 polymer 'Methionine aminopeptidase'
2 non-polymer 'MANGANESE (II) ION'
3 non-polymer 'SODIUM ION'
4 non-polymer 'PHOSPHATE ION'
5 non-polymer 'CHLORIDE ION'
6 water water
#
_entity_poly.entity_id   1
_entity_poly.type   'polypeptide(L)'
_entity_poly.pdbx_seq_one_letter_code
;GPGSMIKIHTEKDFIKMRAAGKLAAETLDFITDHVKPNVTTNSLNDLCHNFITSHNAIPAPLNYKGFPKSICTSINHVVC
HGIPNDKPLKNGDIVNIDVTVILDGWYGDTSRMYYVGDVAIKPKRLIQVTYDAMMKGIEVVRPGAKLGDIGYAIQSYAEK
HNYSVVRDYTGHGIGRVFHDKPSILNYGRNGTGLTLKEGMFFTVEPMINAGNYDTILSKLDGWTVTTRDKSLSAQFEHTI
GVTKDGFEIFTL
;
_entity_poly.pdbx_strand_id   A,B,C,D
#
loop_
_chem_comp.id
_chem_comp.type
_chem_comp.name
_chem_comp.formula
CL non-polymer 'CHLORIDE ION' 'Cl -1'
MN non-polymer 'MANGANESE (II) ION' 'Mn 2'
NA non-polymer 'SODIUM ION' 'Na 1'
PO4 non-polymer 'PHOSPHATE ION' 'O4 P -3'
#
# COMPACT_ATOMS: atom_id res chain seq x y z
N SER A 4 -11.68 -21.80 10.61
CA SER A 4 -11.40 -21.05 9.33
C SER A 4 -12.69 -20.55 8.68
N MET A 5 -12.57 -19.43 7.98
CA MET A 5 -13.71 -18.80 7.30
C MET A 5 -13.91 -19.34 5.89
N ILE A 6 -15.10 -19.91 5.58
CA ILE A 6 -15.43 -20.35 4.19
C ILE A 6 -16.34 -19.34 3.47
N LYS A 7 -15.85 -18.77 2.38
CA LYS A 7 -16.62 -17.74 1.65
C LYS A 7 -17.77 -18.38 0.89
N ILE A 8 -18.95 -17.78 1.01
CA ILE A 8 -20.14 -18.25 0.29
C ILE A 8 -20.45 -17.33 -0.90
N HIS A 9 -20.59 -17.91 -2.10
CA HIS A 9 -20.70 -17.09 -3.32
C HIS A 9 -22.06 -16.95 -3.96
N THR A 10 -22.25 -15.78 -4.59
CA THR A 10 -23.48 -15.44 -5.33
C THR A 10 -23.42 -15.90 -6.79
N GLU A 11 -24.57 -15.85 -7.45
CA GLU A 11 -24.69 -16.17 -8.88
C GLU A 11 -23.73 -15.35 -9.77
N LYS A 12 -23.66 -14.04 -9.51
CA LYS A 12 -22.71 -13.15 -10.15
C LYS A 12 -21.26 -13.68 -10.08
N ASP A 13 -20.92 -14.33 -8.97
CA ASP A 13 -19.58 -14.92 -8.80
C ASP A 13 -19.44 -16.21 -9.61
N PHE A 14 -20.49 -17.04 -9.64
CA PHE A 14 -20.47 -18.24 -10.49
C PHE A 14 -20.18 -17.87 -11.98
N ILE A 15 -20.78 -16.78 -12.44
CA ILE A 15 -20.58 -16.29 -13.80
CA ILE A 15 -20.59 -16.29 -13.80
C ILE A 15 -19.10 -16.02 -14.07
N LYS A 16 -18.46 -15.30 -13.15
CA LYS A 16 -17.04 -14.97 -13.28
C LYS A 16 -16.16 -16.23 -13.31
N MET A 17 -16.53 -17.20 -12.48
CA MET A 17 -15.79 -18.45 -12.33
C MET A 17 -15.93 -19.36 -13.52
N ARG A 18 -17.11 -19.31 -14.16
CA ARG A 18 -17.33 -20.04 -15.41
C ARG A 18 -16.42 -19.53 -16.51
N ALA A 19 -16.33 -18.20 -16.66
CA ALA A 19 -15.44 -17.60 -17.64
C ALA A 19 -13.95 -17.92 -17.37
N ALA A 20 -13.48 -17.81 -16.11
CA ALA A 20 -12.07 -18.13 -15.80
C ALA A 20 -11.77 -19.62 -16.01
N GLY A 21 -12.67 -20.47 -15.53
CA GLY A 21 -12.59 -21.93 -15.70
C GLY A 21 -12.52 -22.34 -17.16
N LYS A 22 -13.39 -21.77 -17.98
CA LYS A 22 -13.42 -22.07 -19.43
C LYS A 22 -12.08 -21.71 -20.07
N LEU A 23 -11.57 -20.53 -19.74
CA LEU A 23 -10.31 -20.09 -20.34
C LEU A 23 -9.14 -21.01 -19.92
N ALA A 24 -9.10 -21.37 -18.63
CA ALA A 24 -8.14 -22.39 -18.17
C ALA A 24 -8.26 -23.75 -18.88
N ALA A 25 -9.48 -24.27 -19.04
CA ALA A 25 -9.75 -25.48 -19.87
C ALA A 25 -9.29 -25.37 -21.31
N GLU A 26 -9.65 -24.26 -21.96
CA GLU A 26 -9.22 -24.02 -23.36
C GLU A 26 -7.70 -23.95 -23.52
N THR A 27 -6.98 -23.48 -22.50
CA THR A 27 -5.51 -23.44 -22.55
C THR A 27 -4.96 -24.88 -22.59
N LEU A 28 -5.54 -25.73 -21.76
CA LEU A 28 -5.23 -27.16 -21.76
C LEU A 28 -5.63 -27.86 -23.08
N ASP A 29 -6.79 -27.52 -23.65
CA ASP A 29 -7.18 -28.05 -24.98
C ASP A 29 -6.11 -27.62 -26.00
N PHE A 30 -5.81 -26.33 -25.99
CA PHE A 30 -4.87 -25.71 -26.94
C PHE A 30 -3.48 -26.36 -26.96
N ILE A 31 -2.93 -26.69 -25.79
CA ILE A 31 -1.55 -27.15 -25.74
C ILE A 31 -1.38 -28.63 -26.23
N THR A 32 -2.47 -29.37 -26.29
CA THR A 32 -2.41 -30.81 -26.54
C THR A 32 -1.56 -31.20 -27.74
N ASP A 33 -1.84 -30.60 -28.89
CA ASP A 33 -1.17 -31.00 -30.11
C ASP A 33 0.32 -30.66 -30.14
N HIS A 34 0.73 -29.78 -29.23
CA HIS A 34 2.13 -29.36 -29.11
C HIS A 34 2.98 -30.29 -28.27
N VAL A 35 2.34 -31.20 -27.52
CA VAL A 35 3.04 -32.17 -26.66
C VAL A 35 3.47 -33.36 -27.52
N LYS A 36 4.77 -33.48 -27.74
CA LYS A 36 5.33 -34.56 -28.57
C LYS A 36 6.79 -34.75 -28.25
N PRO A 37 7.39 -35.89 -28.70
CA PRO A 37 8.79 -36.12 -28.37
C PRO A 37 9.70 -35.00 -28.86
N ASN A 38 10.73 -34.70 -28.06
CA ASN A 38 11.77 -33.69 -28.39
C ASN A 38 11.30 -32.23 -28.32
N VAL A 39 10.16 -31.98 -27.69
CA VAL A 39 9.72 -30.62 -27.39
C VAL A 39 10.12 -30.46 -25.92
N THR A 40 10.56 -29.27 -25.52
CA THR A 40 10.90 -29.02 -24.12
C THR A 40 9.70 -28.50 -23.34
N THR A 41 9.72 -28.59 -22.01
CA THR A 41 8.60 -27.97 -21.26
C THR A 41 8.69 -26.42 -21.26
N ASN A 42 9.92 -25.88 -21.41
CA ASN A 42 10.06 -24.43 -21.68
C ASN A 42 9.26 -23.98 -22.93
N SER A 43 9.27 -24.75 -24.00
CA SER A 43 8.50 -24.37 -25.22
C SER A 43 7.01 -24.37 -24.91
N LEU A 44 6.58 -25.35 -24.13
CA LEU A 44 5.17 -25.46 -23.74
C LEU A 44 4.73 -24.31 -22.84
N ASN A 45 5.61 -23.94 -21.91
CA ASN A 45 5.38 -22.78 -21.04
C ASN A 45 5.14 -21.50 -21.85
N ASP A 46 6.01 -21.23 -22.82
CA ASP A 46 5.87 -19.99 -23.62
C ASP A 46 4.58 -20.01 -24.44
N LEU A 47 4.25 -21.17 -25.00
CA LEU A 47 2.97 -21.34 -25.71
C LEU A 47 1.77 -20.99 -24.85
N CYS A 48 1.74 -21.52 -23.62
CA CYS A 48 0.60 -21.31 -22.73
C CYS A 48 0.59 -19.89 -22.19
N HIS A 49 1.78 -19.38 -21.82
CA HIS A 49 1.91 -18.00 -21.40
C HIS A 49 1.26 -17.03 -22.41
N ASN A 50 1.69 -17.10 -23.68
CA ASN A 50 1.16 -16.21 -24.72
C ASN A 50 -0.34 -16.47 -25.06
N PHE A 51 -0.77 -17.72 -24.96
CA PHE A 51 -2.21 -18.04 -25.07
C PHE A 51 -2.99 -17.26 -24.01
N ILE A 52 -2.57 -17.40 -22.75
CA ILE A 52 -3.28 -16.75 -21.64
C ILE A 52 -3.29 -15.22 -21.78
N THR A 53 -2.13 -14.60 -22.02
CA THR A 53 -2.08 -13.14 -22.05
C THR A 53 -2.84 -12.55 -23.26
N SER A 54 -2.86 -13.28 -24.36
CA SER A 54 -3.63 -12.81 -25.51
C SER A 54 -5.16 -12.95 -25.32
N HIS A 55 -5.57 -13.58 -24.22
CA HIS A 55 -7.00 -13.66 -23.90
C HIS A 55 -7.32 -12.71 -22.75
N ASN A 56 -6.51 -11.67 -22.59
CA ASN A 56 -6.74 -10.64 -21.56
C ASN A 56 -6.67 -11.18 -20.14
N ALA A 57 -5.86 -12.22 -19.92
CA ALA A 57 -5.78 -12.87 -18.61
C ALA A 57 -4.34 -12.96 -18.12
N ILE A 58 -4.15 -13.29 -16.84
CA ILE A 58 -2.81 -13.38 -16.22
C ILE A 58 -2.55 -14.83 -15.80
N PRO A 59 -1.33 -15.35 -16.07
CA PRO A 59 -0.97 -16.68 -15.50
C PRO A 59 -0.61 -16.57 -14.02
N ALA A 60 -1.48 -17.11 -13.17
CA ALA A 60 -1.31 -16.99 -11.73
C ALA A 60 0.01 -17.59 -11.16
N PRO A 61 0.58 -18.65 -11.77
CA PRO A 61 1.81 -19.18 -11.18
C PRO A 61 3.04 -18.26 -11.36
N LEU A 62 3.02 -17.35 -12.34
CA LEU A 62 4.21 -16.56 -12.59
C LEU A 62 4.57 -15.65 -11.41
N ASN A 63 5.72 -15.93 -10.79
CA ASN A 63 6.20 -15.23 -9.58
C ASN A 63 5.32 -15.41 -8.34
N TYR A 64 4.42 -16.40 -8.38
CA TYR A 64 3.70 -16.79 -7.17
C TYR A 64 4.67 -17.44 -6.17
N LYS A 65 4.88 -16.77 -5.03
CA LYS A 65 5.91 -17.16 -4.06
C LYS A 65 7.26 -17.45 -4.74
N GLY A 66 7.58 -16.67 -5.77
CA GLY A 66 8.81 -16.82 -6.52
C GLY A 66 8.84 -17.84 -7.65
N PHE A 67 7.77 -18.58 -7.88
CA PHE A 67 7.74 -19.56 -8.97
C PHE A 67 8.19 -18.90 -10.29
N PRO A 68 9.22 -19.47 -10.95
CA PRO A 68 9.87 -18.74 -12.06
C PRO A 68 9.19 -18.87 -13.41
N LYS A 69 8.05 -19.56 -13.47
CA LYS A 69 7.40 -19.83 -14.77
C LYS A 69 5.86 -19.60 -14.76
N SER A 70 5.20 -19.80 -15.90
CA SER A 70 3.77 -19.44 -16.07
C SER A 70 2.84 -20.65 -15.90
N ILE A 71 3.41 -21.86 -15.97
CA ILE A 71 2.67 -23.12 -15.78
C ILE A 71 3.60 -24.07 -15.01
N CYS A 72 3.02 -25.11 -14.42
CA CYS A 72 3.76 -26.25 -13.89
C CYS A 72 3.72 -27.44 -14.86
N THR A 73 4.85 -28.10 -15.06
CA THR A 73 4.94 -29.27 -15.94
C THR A 73 5.62 -30.36 -15.16
N SER A 74 4.90 -31.44 -14.90
CA SER A 74 5.41 -32.49 -14.05
C SER A 74 5.54 -33.80 -14.83
N ILE A 75 6.78 -34.21 -15.10
CA ILE A 75 7.05 -35.42 -15.92
C ILE A 75 7.32 -36.69 -15.10
N ASN A 76 6.65 -37.79 -15.46
CA ASN A 76 6.93 -39.14 -14.90
C ASN A 76 6.84 -39.24 -13.36
N HIS A 77 7.99 -39.40 -12.68
CA HIS A 77 7.98 -39.59 -11.23
C HIS A 77 7.87 -38.25 -10.48
N VAL A 78 7.90 -37.15 -11.23
CA VAL A 78 7.54 -35.86 -10.65
C VAL A 78 6.05 -35.83 -10.33
N VAL A 79 5.75 -35.52 -9.07
CA VAL A 79 4.40 -35.57 -8.54
C VAL A 79 3.59 -34.32 -8.83
N CYS A 80 4.19 -33.16 -8.64
CA CYS A 80 3.53 -31.86 -8.86
C CYS A 80 4.56 -30.74 -8.82
N HIS A 81 4.13 -29.57 -9.31
CA HIS A 81 4.86 -28.30 -9.31
C HIS A 81 6.22 -28.36 -9.98
N GLY A 82 6.36 -29.29 -10.91
CA GLY A 82 7.58 -29.34 -11.72
C GLY A 82 7.75 -28.02 -12.47
N ILE A 83 8.99 -27.60 -12.64
CA ILE A 83 9.30 -26.32 -13.28
C ILE A 83 9.75 -26.53 -14.74
N PRO A 84 9.09 -25.85 -15.70
CA PRO A 84 9.52 -25.87 -17.08
C PRO A 84 11.03 -25.67 -17.19
N ASN A 85 11.65 -26.45 -18.08
CA ASN A 85 13.09 -26.40 -18.29
C ASN A 85 13.44 -26.81 -19.73
N ASP A 86 14.73 -26.95 -20.00
CA ASP A 86 15.23 -27.18 -21.36
C ASP A 86 15.40 -28.65 -21.73
N LYS A 87 14.96 -29.57 -20.86
CA LYS A 87 15.15 -31.02 -21.12
C LYS A 87 14.16 -31.50 -22.19
N PRO A 88 14.62 -32.26 -23.20
CA PRO A 88 13.62 -32.70 -24.21
C PRO A 88 12.68 -33.80 -23.66
N LEU A 89 11.40 -33.71 -24.01
CA LEU A 89 10.49 -34.80 -23.66
C LEU A 89 10.81 -36.06 -24.49
N LYS A 90 10.62 -37.26 -23.93
CA LYS A 90 10.99 -38.52 -24.63
C LYS A 90 9.74 -39.32 -24.96
N ASN A 91 9.76 -40.03 -26.08
CA ASN A 91 8.70 -40.99 -26.44
C ASN A 91 8.42 -41.88 -25.25
N GLY A 92 7.17 -41.97 -24.81
CA GLY A 92 6.83 -42.83 -23.65
C GLY A 92 6.64 -42.13 -22.30
N ASP A 93 7.09 -40.88 -22.23
CA ASP A 93 6.89 -39.99 -21.06
C ASP A 93 5.42 -39.66 -20.87
N ILE A 94 5.08 -39.37 -19.62
CA ILE A 94 3.78 -38.81 -19.27
C ILE A 94 4.06 -37.49 -18.57
N VAL A 95 3.26 -36.49 -18.89
CA VAL A 95 3.43 -35.15 -18.29
C VAL A 95 2.09 -34.57 -17.87
N ASN A 96 2.06 -33.99 -16.64
CA ASN A 96 0.92 -33.17 -16.20
C ASN A 96 1.24 -31.70 -16.52
N ILE A 97 0.29 -31.04 -17.14
CA ILE A 97 0.39 -29.59 -17.34
C ILE A 97 -0.72 -28.98 -16.52
N ASP A 98 -0.32 -28.09 -15.61
CA ASP A 98 -1.20 -27.48 -14.64
C ASP A 98 -1.22 -25.96 -14.88
N VAL A 99 -2.40 -25.43 -15.19
CA VAL A 99 -2.59 -24.03 -15.58
C VAL A 99 -3.45 -23.34 -14.52
N THR A 100 -3.15 -22.09 -14.22
CA THR A 100 -4.12 -21.26 -13.50
C THR A 100 -4.21 -19.88 -14.16
N VAL A 101 -5.41 -19.48 -14.56
CA VAL A 101 -5.59 -18.13 -15.11
C VAL A 101 -6.29 -17.19 -14.11
N ILE A 102 -5.96 -15.92 -14.18
CA ILE A 102 -6.74 -14.91 -13.49
C ILE A 102 -7.42 -14.09 -14.55
N LEU A 103 -8.77 -14.13 -14.58
CA LEU A 103 -9.54 -13.42 -15.59
C LEU A 103 -10.55 -12.51 -14.90
N ASP A 104 -10.41 -11.20 -15.08
CA ASP A 104 -11.23 -10.22 -14.38
C ASP A 104 -11.22 -10.44 -12.84
N GLY A 105 -10.05 -10.82 -12.32
CA GLY A 105 -9.87 -10.93 -10.88
C GLY A 105 -10.21 -12.29 -10.29
N TRP A 106 -10.66 -13.23 -11.12
CA TRP A 106 -11.14 -14.54 -10.64
C TRP A 106 -10.28 -15.64 -11.24
N TYR A 107 -9.98 -16.64 -10.42
CA TYR A 107 -9.02 -17.73 -10.71
C TYR A 107 -9.67 -19.03 -11.22
N GLY A 108 -9.16 -19.56 -12.33
CA GLY A 108 -9.56 -20.88 -12.85
C GLY A 108 -8.34 -21.76 -12.86
N ASP A 109 -8.42 -22.90 -12.16
CA ASP A 109 -7.27 -23.78 -11.84
C ASP A 109 -7.58 -25.22 -12.28
N THR A 110 -6.76 -25.76 -13.17
CA THR A 110 -7.03 -27.08 -13.76
C THR A 110 -5.73 -27.72 -14.28
N SER A 111 -5.64 -29.06 -14.20
CA SER A 111 -4.49 -29.77 -14.80
C SER A 111 -4.93 -31.06 -15.46
N ARG A 112 -4.15 -31.51 -16.44
CA ARG A 112 -4.38 -32.80 -17.12
C ARG A 112 -3.13 -33.58 -17.37
N MET A 113 -3.29 -34.88 -17.59
CA MET A 113 -2.19 -35.74 -18.04
C MET A 113 -2.13 -35.75 -19.57
N TYR A 114 -0.90 -35.79 -20.10
CA TYR A 114 -0.66 -35.90 -21.56
C TYR A 114 0.29 -37.05 -21.86
N TYR A 115 0.03 -37.72 -22.97
CA TYR A 115 0.93 -38.74 -23.46
C TYR A 115 1.96 -38.06 -24.33
N VAL A 116 3.22 -38.48 -24.22
CA VAL A 116 4.28 -38.05 -25.15
C VAL A 116 4.60 -39.22 -26.06
N GLY A 117 4.24 -39.11 -27.33
CA GLY A 117 4.45 -40.18 -28.27
C GLY A 117 3.61 -41.39 -27.89
N ASP A 118 4.19 -42.59 -27.98
CA ASP A 118 3.46 -43.82 -27.69
C ASP A 118 3.75 -44.22 -26.25
N VAL A 119 2.70 -44.35 -25.44
CA VAL A 119 2.85 -44.66 -24.00
C VAL A 119 2.45 -46.12 -23.71
N ALA A 120 3.15 -46.75 -22.78
CA ALA A 120 2.95 -48.18 -22.45
C ALA A 120 1.69 -48.40 -21.61
N ILE A 121 1.31 -49.65 -21.41
CA ILE A 121 0.06 -49.97 -20.70
C ILE A 121 0.05 -49.50 -19.25
N LYS A 122 1.14 -49.75 -18.51
CA LYS A 122 1.19 -49.35 -17.08
C LYS A 122 0.98 -47.87 -16.81
N PRO A 123 1.76 -46.98 -17.47
CA PRO A 123 1.44 -45.54 -17.40
C PRO A 123 -0.01 -45.23 -17.78
N LYS A 124 -0.54 -45.86 -18.84
CA LYS A 124 -1.89 -45.61 -19.24
C LYS A 124 -2.89 -45.95 -18.14
N ARG A 125 -2.68 -47.09 -17.45
CA ARG A 125 -3.59 -47.52 -16.37
C ARG A 125 -3.57 -46.60 -15.15
N LEU A 126 -2.37 -46.15 -14.79
CA LEU A 126 -2.17 -45.15 -13.73
C LEU A 126 -2.98 -43.88 -13.99
N ILE A 127 -2.82 -43.33 -15.21
CA ILE A 127 -3.55 -42.13 -15.58
C ILE A 127 -5.08 -42.34 -15.51
N GLN A 128 -5.56 -43.50 -15.94
CA GLN A 128 -7.00 -43.76 -15.96
C GLN A 128 -7.59 -43.80 -14.56
N VAL A 129 -6.93 -44.51 -13.64
CA VAL A 129 -7.37 -44.61 -12.26
C VAL A 129 -7.31 -43.26 -11.58
N THR A 130 -6.32 -42.45 -11.93
CA THR A 130 -6.21 -41.12 -11.34
C THR A 130 -7.38 -40.25 -11.74
N TYR A 131 -7.69 -40.24 -13.04
CA TYR A 131 -8.83 -39.46 -13.51
C TYR A 131 -10.14 -39.91 -12.83
N ASP A 132 -10.36 -41.22 -12.80
CA ASP A 132 -11.57 -41.75 -12.18
C ASP A 132 -11.63 -41.52 -10.66
N ALA A 133 -10.50 -41.58 -9.96
CA ALA A 133 -10.46 -41.24 -8.53
C ALA A 133 -10.84 -39.76 -8.31
N MET A 134 -10.28 -38.85 -9.10
CA MET A 134 -10.72 -37.44 -9.05
C MET A 134 -12.26 -37.34 -9.17
N MET A 135 -12.82 -37.99 -10.18
CA MET A 135 -14.26 -37.90 -10.44
C MET A 135 -15.06 -38.47 -9.30
N LYS A 136 -14.58 -39.54 -8.66
CA LYS A 136 -15.27 -40.10 -7.49
C LYS A 136 -15.35 -39.07 -6.37
N GLY A 137 -14.26 -38.35 -6.08
CA GLY A 137 -14.25 -37.21 -5.13
C GLY A 137 -15.23 -36.09 -5.49
N ILE A 138 -15.19 -35.66 -6.75
CA ILE A 138 -16.10 -34.59 -7.17
C ILE A 138 -17.56 -35.04 -7.04
N GLU A 139 -17.86 -36.30 -7.38
CA GLU A 139 -19.22 -36.83 -7.37
C GLU A 139 -19.91 -36.91 -6.00
N VAL A 140 -19.13 -36.88 -4.91
CA VAL A 140 -19.77 -36.79 -3.57
C VAL A 140 -20.25 -35.37 -3.22
N VAL A 141 -19.76 -34.38 -3.95
CA VAL A 141 -20.00 -32.96 -3.63
C VAL A 141 -21.45 -32.54 -3.81
N ARG A 142 -22.04 -32.09 -2.70
CA ARG A 142 -23.39 -31.54 -2.61
C ARG A 142 -23.56 -30.84 -1.26
N PRO A 143 -24.48 -29.84 -1.15
CA PRO A 143 -24.73 -29.28 0.16
C PRO A 143 -25.05 -30.37 1.18
N GLY A 144 -24.43 -30.29 2.35
CA GLY A 144 -24.70 -31.29 3.37
C GLY A 144 -23.76 -32.49 3.40
N ALA A 145 -23.08 -32.81 2.30
CA ALA A 145 -22.01 -33.81 2.34
C ALA A 145 -20.87 -33.21 3.18
N LYS A 146 -19.93 -34.04 3.65
CA LYS A 146 -18.87 -33.58 4.54
C LYS A 146 -17.53 -33.59 3.80
N LEU A 147 -16.59 -32.75 4.25
CA LEU A 147 -15.34 -32.58 3.51
C LEU A 147 -14.55 -33.88 3.40
N GLY A 148 -14.62 -34.69 4.45
CA GLY A 148 -13.92 -35.96 4.51
C GLY A 148 -14.48 -37.02 3.57
N ASP A 149 -15.73 -36.84 3.15
CA ASP A 149 -16.34 -37.66 2.10
C ASP A 149 -15.57 -37.59 0.81
N ILE A 150 -15.02 -36.41 0.49
CA ILE A 150 -14.22 -36.25 -0.74
C ILE A 150 -12.94 -37.12 -0.70
N GLY A 151 -12.12 -36.93 0.33
CA GLY A 151 -10.89 -37.69 0.47
C GLY A 151 -11.14 -39.19 0.58
N TYR A 152 -12.19 -39.58 1.29
CA TYR A 152 -12.53 -41.00 1.39
C TYR A 152 -12.84 -41.63 0.03
N ALA A 153 -13.62 -40.95 -0.81
CA ALA A 153 -13.97 -41.48 -2.15
C ALA A 153 -12.74 -41.63 -3.05
N ILE A 154 -11.87 -40.64 -2.98
CA ILE A 154 -10.64 -40.65 -3.78
C ILE A 154 -9.73 -41.76 -3.31
N GLN A 155 -9.38 -41.74 -2.03
CA GLN A 155 -8.53 -42.75 -1.43
C GLN A 155 -9.04 -44.19 -1.62
N SER A 156 -10.32 -44.44 -1.33
CA SER A 156 -10.85 -45.78 -1.48
C SER A 156 -10.72 -46.26 -2.91
N TYR A 157 -10.98 -45.37 -3.87
CA TYR A 157 -10.97 -45.79 -5.29
C TYR A 157 -9.55 -46.12 -5.76
N ALA A 158 -8.62 -45.24 -5.40
CA ALA A 158 -7.22 -45.40 -5.80
C ALA A 158 -6.59 -46.64 -5.17
N GLU A 159 -6.81 -46.81 -3.87
CA GLU A 159 -6.18 -47.87 -3.12
C GLU A 159 -6.78 -49.23 -3.49
N LYS A 160 -8.07 -49.26 -3.79
CA LYS A 160 -8.70 -50.55 -4.17
C LYS A 160 -8.32 -50.94 -5.60
N HIS A 161 -7.82 -49.98 -6.37
CA HIS A 161 -7.21 -50.27 -7.68
C HIS A 161 -5.68 -50.47 -7.63
N ASN A 162 -5.13 -50.59 -6.43
CA ASN A 162 -3.74 -50.98 -6.21
C ASN A 162 -2.75 -49.84 -6.39
N TYR A 163 -3.19 -48.59 -6.22
CA TYR A 163 -2.30 -47.42 -6.25
C TYR A 163 -2.25 -46.67 -4.89
N SER A 164 -1.32 -45.74 -4.72
CA SER A 164 -1.25 -45.06 -3.44
C SER A 164 -1.58 -43.55 -3.53
N VAL A 165 -2.02 -42.97 -2.41
CA VAL A 165 -2.50 -41.58 -2.41
C VAL A 165 -1.43 -40.66 -1.78
N VAL A 166 -0.99 -39.67 -2.54
CA VAL A 166 -0.11 -38.59 -2.03
C VAL A 166 -0.85 -37.77 -0.97
N ARG A 167 -0.22 -37.56 0.20
CA ARG A 167 -0.91 -36.95 1.35
C ARG A 167 -0.66 -35.48 1.61
N ASP A 168 0.52 -34.98 1.23
CA ASP A 168 0.97 -33.68 1.76
C ASP A 168 0.49 -32.45 1.00
N TYR A 169 -0.03 -32.62 -0.22
CA TYR A 169 -0.41 -31.52 -1.11
C TYR A 169 -1.91 -31.70 -1.33
N THR A 170 -2.67 -30.61 -1.29
CA THR A 170 -4.13 -30.71 -1.26
C THR A 170 -4.82 -29.79 -2.28
N GLY A 171 -6.11 -30.00 -2.53
CA GLY A 171 -6.97 -28.99 -3.15
C GLY A 171 -7.19 -27.81 -2.19
N HIS A 172 -7.99 -26.82 -2.62
CA HIS A 172 -8.12 -25.61 -1.85
C HIS A 172 -9.31 -24.81 -2.32
N GLY A 173 -9.85 -24.01 -1.41
CA GLY A 173 -10.72 -22.91 -1.80
C GLY A 173 -10.06 -21.96 -2.78
N ILE A 174 -10.89 -21.31 -3.58
CA ILE A 174 -10.39 -20.49 -4.69
C ILE A 174 -11.50 -19.50 -5.06
N GLY A 175 -11.15 -18.37 -5.67
CA GLY A 175 -12.15 -17.39 -6.09
C GLY A 175 -11.45 -16.13 -6.52
N ARG A 176 -11.43 -15.11 -5.67
CA ARG A 176 -10.60 -13.90 -5.94
C ARG A 176 -9.20 -14.05 -5.40
N VAL A 177 -8.96 -15.21 -4.80
CA VAL A 177 -7.69 -15.63 -4.20
C VAL A 177 -7.30 -16.97 -4.84
N PHE A 178 -6.00 -17.21 -5.01
CA PHE A 178 -5.49 -18.46 -5.61
C PHE A 178 -5.73 -19.61 -4.63
N HIS A 179 -5.22 -19.49 -3.41
CA HIS A 179 -5.34 -20.55 -2.38
C HIS A 179 -6.02 -20.01 -1.12
N ASP A 180 -7.23 -20.51 -0.87
CA ASP A 180 -8.07 -19.99 0.20
C ASP A 180 -8.55 -21.21 0.98
N LYS A 181 -9.25 -20.97 2.09
CA LYS A 181 -9.79 -22.07 2.91
C LYS A 181 -10.98 -22.70 2.16
N PRO A 182 -11.21 -24.01 2.34
CA PRO A 182 -10.49 -24.95 3.20
C PRO A 182 -9.49 -25.82 2.38
N SER A 183 -8.64 -26.57 3.06
CA SER A 183 -7.86 -27.63 2.43
C SER A 183 -8.79 -28.77 2.07
N ILE A 184 -8.61 -29.27 0.84
CA ILE A 184 -9.37 -30.41 0.32
C ILE A 184 -8.38 -31.58 0.23
N LEU A 185 -8.37 -32.38 1.28
CA LEU A 185 -7.46 -33.52 1.39
C LEU A 185 -7.89 -34.63 0.41
N ASN A 186 -6.91 -35.40 -0.10
CA ASN A 186 -7.20 -36.50 -1.04
C ASN A 186 -7.33 -37.87 -0.36
N TYR A 187 -7.34 -37.84 0.96
CA TYR A 187 -7.49 -39.01 1.80
C TYR A 187 -8.35 -38.59 2.99
N GLY A 188 -8.98 -39.56 3.63
CA GLY A 188 -9.75 -39.23 4.83
C GLY A 188 -10.72 -40.29 5.25
N ARG A 189 -11.36 -40.07 6.40
CA ARG A 189 -12.40 -40.95 6.89
C ARG A 189 -13.76 -40.38 6.48
N ASN A 190 -14.64 -41.25 6.00
CA ASN A 190 -16.00 -40.87 5.63
C ASN A 190 -16.81 -40.21 6.74
N GLY A 191 -17.55 -39.16 6.37
CA GLY A 191 -18.47 -38.49 7.28
C GLY A 191 -17.83 -37.61 8.34
N THR A 192 -16.57 -37.21 8.11
CA THR A 192 -15.84 -36.37 9.05
C THR A 192 -15.59 -35.02 8.43
N GLY A 193 -15.35 -34.01 9.26
CA GLY A 193 -14.95 -32.69 8.77
C GLY A 193 -16.12 -31.74 8.55
N LEU A 194 -15.82 -30.53 8.07
CA LEU A 194 -16.86 -29.49 7.90
C LEU A 194 -17.91 -29.85 6.84
N THR A 195 -19.07 -29.22 6.97
CA THR A 195 -20.18 -29.45 6.05
C THR A 195 -20.15 -28.51 4.82
N LEU A 196 -20.15 -29.13 3.65
CA LEU A 196 -20.22 -28.45 2.37
C LEU A 196 -21.51 -27.64 2.27
N LYS A 197 -21.42 -26.41 1.77
CA LYS A 197 -22.59 -25.56 1.62
C LYS A 197 -22.65 -25.06 0.21
N GLU A 198 -23.89 -24.94 -0.28
CA GLU A 198 -24.18 -24.22 -1.49
C GLU A 198 -23.38 -22.92 -1.57
N GLY A 199 -22.72 -22.68 -2.70
CA GLY A 199 -21.97 -21.43 -2.90
C GLY A 199 -20.48 -21.46 -2.58
N MET A 200 -19.97 -22.59 -2.08
CA MET A 200 -18.53 -22.79 -1.91
C MET A 200 -17.84 -23.09 -3.25
N PHE A 201 -16.62 -22.55 -3.44
CA PHE A 201 -15.76 -22.85 -4.60
C PHE A 201 -14.47 -23.48 -4.09
N PHE A 202 -14.00 -24.56 -4.74
CA PHE A 202 -12.72 -25.17 -4.39
C PHE A 202 -12.22 -26.07 -5.52
N THR A 203 -10.96 -26.46 -5.40
CA THR A 203 -10.37 -27.44 -6.30
C THR A 203 -10.32 -28.90 -5.73
N VAL A 204 -10.33 -29.87 -6.63
CA VAL A 204 -10.09 -31.28 -6.29
C VAL A 204 -8.92 -31.71 -7.19
N GLU A 205 -7.79 -32.04 -6.59
CA GLU A 205 -6.57 -32.25 -7.37
C GLU A 205 -5.70 -33.43 -6.84
N PRO A 206 -6.22 -34.68 -6.86
CA PRO A 206 -5.46 -35.81 -6.35
C PRO A 206 -4.21 -36.16 -7.18
N MET A 207 -3.16 -36.56 -6.46
CA MET A 207 -1.93 -37.14 -6.99
C MET A 207 -1.85 -38.60 -6.54
N ILE A 208 -1.65 -39.51 -7.52
CA ILE A 208 -1.74 -40.94 -7.33
C ILE A 208 -0.42 -41.57 -7.81
N ASN A 209 0.21 -42.39 -6.96
CA ASN A 209 1.48 -43.05 -7.30
C ASN A 209 1.32 -44.53 -7.67
N ALA A 210 2.14 -45.01 -8.61
CA ALA A 210 2.16 -46.42 -8.98
C ALA A 210 2.82 -47.24 -7.88
N GLY A 211 3.76 -46.63 -7.17
CA GLY A 211 4.49 -47.29 -6.06
C GLY A 211 4.02 -46.84 -4.68
N ASN A 212 4.97 -46.52 -3.82
CA ASN A 212 4.68 -46.11 -2.43
C ASN A 212 4.14 -44.67 -2.42
N TYR A 213 3.32 -44.33 -1.43
CA TYR A 213 2.76 -42.97 -1.29
C TYR A 213 3.75 -41.84 -0.93
N ASP A 214 4.95 -42.16 -0.46
CA ASP A 214 5.89 -41.18 0.13
C ASP A 214 6.53 -40.28 -0.95
N THR A 215 6.58 -38.97 -0.67
CA THR A 215 7.13 -37.96 -1.60
C THR A 215 8.23 -37.11 -0.95
N ILE A 216 9.04 -36.48 -1.78
CA ILE A 216 10.12 -35.59 -1.35
C ILE A 216 10.04 -34.27 -2.11
N LEU A 217 10.05 -33.17 -1.36
CA LEU A 217 10.13 -31.81 -1.90
C LEU A 217 11.60 -31.43 -2.11
N SER A 218 11.93 -30.95 -3.30
CA SER A 218 13.30 -30.55 -3.61
C SER A 218 13.74 -29.38 -2.75
N LYS A 219 14.73 -29.61 -1.91
CA LYS A 219 15.39 -28.54 -1.18
C LYS A 219 16.13 -27.60 -2.17
N LEU A 220 16.66 -28.17 -3.25
CA LEU A 220 17.36 -27.37 -4.26
C LEU A 220 16.53 -26.25 -4.92
N ASP A 221 15.38 -26.58 -5.52
CA ASP A 221 14.61 -25.54 -6.22
C ASP A 221 13.39 -25.12 -5.42
N GLY A 222 13.07 -25.86 -4.35
CA GLY A 222 12.00 -25.47 -3.43
C GLY A 222 10.58 -25.72 -3.93
N TRP A 223 10.45 -26.35 -5.11
CA TRP A 223 9.14 -26.54 -5.73
C TRP A 223 8.82 -27.96 -6.10
N THR A 224 9.77 -28.62 -6.75
CA THR A 224 9.55 -29.91 -7.40
C THR A 224 9.36 -31.06 -6.40
N VAL A 225 8.22 -31.72 -6.47
CA VAL A 225 7.96 -32.88 -5.62
C VAL A 225 8.10 -34.13 -6.49
N THR A 226 8.85 -35.12 -6.00
CA THR A 226 8.98 -36.42 -6.68
C THR A 226 8.62 -37.58 -5.74
N THR A 227 8.36 -38.76 -6.30
CA THR A 227 8.09 -39.94 -5.49
C THR A 227 9.39 -40.39 -4.85
N ARG A 228 9.36 -40.71 -3.56
CA ARG A 228 10.58 -41.16 -2.91
CA ARG A 228 10.55 -41.21 -2.87
C ARG A 228 11.11 -42.42 -3.63
N ASP A 229 10.21 -43.35 -4.00
CA ASP A 229 10.66 -44.56 -4.67
C ASP A 229 10.86 -44.49 -6.21
N LYS A 230 10.70 -43.30 -6.78
CA LYS A 230 10.92 -43.09 -8.22
C LYS A 230 9.86 -43.75 -9.08
N SER A 231 8.77 -44.20 -8.46
CA SER A 231 7.64 -44.72 -9.27
C SER A 231 6.89 -43.56 -9.95
N LEU A 232 6.12 -43.88 -10.99
CA LEU A 232 5.33 -42.88 -11.71
C LEU A 232 4.24 -42.31 -10.81
N SER A 233 3.88 -41.05 -11.04
CA SER A 233 2.75 -40.40 -10.31
C SER A 233 1.94 -39.62 -11.33
N ALA A 234 0.62 -39.56 -11.16
CA ALA A 234 -0.25 -38.80 -12.08
C ALA A 234 -1.21 -37.94 -11.28
N GLN A 235 -1.70 -36.86 -11.92
CA GLN A 235 -2.60 -35.92 -11.27
C GLN A 235 -3.61 -35.36 -12.31
N PHE A 236 -4.82 -35.06 -11.84
CA PHE A 236 -5.76 -34.25 -12.62
C PHE A 236 -6.31 -33.24 -11.63
N GLU A 237 -6.80 -32.11 -12.14
CA GLU A 237 -7.41 -31.09 -11.28
C GLU A 237 -8.58 -30.41 -11.98
N HIS A 238 -9.63 -30.12 -11.21
CA HIS A 238 -10.70 -29.24 -11.67
C HIS A 238 -11.00 -28.20 -10.60
N THR A 239 -11.55 -27.04 -11.02
CA THR A 239 -12.12 -26.09 -10.09
C THR A 239 -13.65 -26.32 -10.13
N ILE A 240 -14.26 -26.42 -8.94
CA ILE A 240 -15.69 -26.73 -8.83
C ILE A 240 -16.43 -25.78 -7.88
N GLY A 241 -17.75 -25.78 -8.01
CA GLY A 241 -18.63 -25.00 -7.14
C GLY A 241 -19.78 -25.87 -6.64
N VAL A 242 -20.30 -25.54 -5.44
CA VAL A 242 -21.36 -26.32 -4.81
C VAL A 242 -22.72 -25.68 -5.13
N THR A 243 -23.61 -26.44 -5.73
CA THR A 243 -24.91 -25.90 -6.16
C THR A 243 -26.00 -26.53 -5.36
N LYS A 244 -27.25 -26.09 -5.57
CA LYS A 244 -28.43 -26.70 -4.95
C LYS A 244 -28.60 -28.18 -5.30
N ASP A 245 -28.10 -28.56 -6.48
CA ASP A 245 -28.22 -29.93 -7.04
C ASP A 245 -26.90 -30.73 -7.04
N GLY A 246 -25.91 -30.34 -6.23
CA GLY A 246 -24.67 -31.10 -6.16
C GLY A 246 -23.47 -30.23 -6.48
N PHE A 247 -22.90 -30.41 -7.68
CA PHE A 247 -21.67 -29.68 -8.03
C PHE A 247 -21.73 -29.07 -9.47
N GLU A 248 -20.88 -28.08 -9.73
CA GLU A 248 -20.65 -27.61 -11.10
C GLU A 248 -19.13 -27.56 -11.35
N ILE A 249 -18.66 -28.13 -12.47
CA ILE A 249 -17.25 -28.08 -12.79
C ILE A 249 -17.05 -26.84 -13.68
N PHE A 250 -16.28 -25.87 -13.22
CA PHE A 250 -16.05 -24.65 -14.01
C PHE A 250 -15.00 -24.85 -15.09
N THR A 251 -14.07 -25.80 -14.89
CA THR A 251 -12.91 -25.96 -15.78
C THR A 251 -13.16 -27.00 -16.90
N LEU A 252 -14.32 -26.86 -17.52
CA LEU A 252 -14.63 -27.48 -18.81
C LEU A 252 -15.05 -26.41 -19.84
N MET B 5 13.54 15.76 -6.49
CA MET B 5 13.43 14.85 -5.32
C MET B 5 14.40 13.65 -5.43
N ILE B 6 15.46 13.78 -6.24
CA ILE B 6 16.46 12.70 -6.43
C ILE B 6 17.04 12.29 -5.08
N LYS B 7 17.03 10.99 -4.79
CA LYS B 7 17.52 10.51 -3.49
C LYS B 7 19.04 10.69 -3.32
N ILE B 8 19.45 11.15 -2.14
CA ILE B 8 20.86 11.32 -1.81
C ILE B 8 21.28 10.26 -0.79
N HIS B 9 22.09 9.29 -1.21
CA HIS B 9 22.52 8.18 -0.35
C HIS B 9 23.81 8.46 0.42
N THR B 10 23.93 7.84 1.58
CA THR B 10 25.13 7.86 2.44
C THR B 10 25.97 6.60 2.20
N GLU B 11 27.16 6.58 2.81
CA GLU B 11 28.13 5.47 2.67
C GLU B 11 27.51 4.09 2.96
N LYS B 12 26.69 3.98 4.01
CA LYS B 12 26.00 2.70 4.29
C LYS B 12 25.21 2.15 3.09
N ASP B 13 24.62 3.03 2.27
CA ASP B 13 23.87 2.62 1.10
C ASP B 13 24.83 2.20 -0.02
N PHE B 14 25.98 2.87 -0.08
CA PHE B 14 27.01 2.56 -1.09
C PHE B 14 27.50 1.12 -0.88
N ILE B 15 27.68 0.72 0.37
CA ILE B 15 28.07 -0.65 0.71
C ILE B 15 27.07 -1.71 0.19
N LYS B 16 25.79 -1.41 0.34
CA LYS B 16 24.74 -2.34 -0.06
C LYS B 16 24.66 -2.42 -1.58
N MET B 17 24.87 -1.29 -2.25
CA MET B 17 24.87 -1.25 -3.72
C MET B 17 26.09 -1.96 -4.31
N ARG B 18 27.24 -1.88 -3.62
CA ARG B 18 28.42 -2.66 -4.03
C ARG B 18 28.13 -4.15 -4.02
N ALA B 19 27.55 -4.65 -2.93
CA ALA B 19 27.20 -6.06 -2.86
C ALA B 19 26.17 -6.42 -3.93
N ALA B 20 25.14 -5.61 -4.16
CA ALA B 20 24.16 -5.96 -5.21
C ALA B 20 24.79 -5.91 -6.60
N GLY B 21 25.56 -4.85 -6.87
CA GLY B 21 26.24 -4.70 -8.15
C GLY B 21 27.22 -5.82 -8.46
N LYS B 22 27.98 -6.23 -7.45
CA LYS B 22 28.96 -7.32 -7.62
C LYS B 22 28.24 -8.63 -8.00
N LEU B 23 27.13 -8.94 -7.32
CA LEU B 23 26.38 -10.17 -7.65
C LEU B 23 25.81 -10.15 -9.06
N ALA B 24 25.23 -9.01 -9.49
CA ALA B 24 24.80 -8.87 -10.86
C ALA B 24 25.98 -9.07 -11.82
N ALA B 25 27.10 -8.43 -11.53
CA ALA B 25 28.28 -8.59 -12.42
C ALA B 25 28.74 -10.05 -12.48
N GLU B 26 28.75 -10.73 -11.33
CA GLU B 26 29.14 -12.15 -11.27
C GLU B 26 28.19 -13.08 -12.04
N THR B 27 26.90 -12.72 -12.11
CA THR B 27 25.95 -13.48 -12.96
C THR B 27 26.38 -13.39 -14.43
N LEU B 28 26.76 -12.18 -14.86
CA LEU B 28 27.23 -11.96 -16.23
C LEU B 28 28.55 -12.71 -16.49
N ASP B 29 29.46 -12.71 -15.52
CA ASP B 29 30.70 -13.52 -15.62
C ASP B 29 30.35 -14.98 -15.78
N PHE B 30 29.50 -15.47 -14.87
CA PHE B 30 29.09 -16.88 -14.80
C PHE B 30 28.52 -17.41 -16.14
N ILE B 31 27.69 -16.59 -16.79
CA ILE B 31 26.92 -17.07 -17.97
C ILE B 31 27.82 -17.20 -19.24
N THR B 32 28.97 -16.50 -19.24
CA THR B 32 29.82 -16.38 -20.46
C THR B 32 30.10 -17.69 -21.17
N ASP B 33 30.59 -18.69 -20.44
CA ASP B 33 30.98 -19.94 -21.07
C ASP B 33 29.81 -20.81 -21.58
N HIS B 34 28.58 -20.51 -21.13
CA HIS B 34 27.40 -21.24 -21.59
C HIS B 34 26.86 -20.68 -22.90
N VAL B 35 27.34 -19.51 -23.32
CA VAL B 35 26.90 -18.87 -24.56
C VAL B 35 27.63 -19.50 -25.74
N LYS B 36 26.89 -20.32 -26.48
CA LYS B 36 27.46 -20.98 -27.65
C LYS B 36 26.37 -21.34 -28.66
N PRO B 37 26.76 -21.69 -29.91
CA PRO B 37 25.75 -22.04 -30.89
C PRO B 37 24.85 -23.22 -30.45
N ASN B 38 23.59 -23.20 -30.89
CA ASN B 38 22.57 -24.21 -30.52
C ASN B 38 22.07 -24.22 -29.07
N VAL B 39 22.51 -23.27 -28.27
CA VAL B 39 21.99 -23.06 -26.91
C VAL B 39 20.78 -22.10 -27.05
N THR B 40 19.69 -22.33 -26.30
CA THR B 40 18.52 -21.42 -26.39
C THR B 40 18.65 -20.31 -25.37
N THR B 41 18.02 -19.16 -25.59
CA THR B 41 17.98 -18.12 -24.54
C THR B 41 17.19 -18.57 -23.29
N ASN B 42 16.17 -19.41 -23.47
CA ASN B 42 15.53 -20.11 -22.33
C ASN B 42 16.48 -20.88 -21.41
N SER B 43 17.47 -21.58 -21.99
CA SER B 43 18.43 -22.32 -21.15
CA SER B 43 18.43 -22.32 -21.16
C SER B 43 19.29 -21.34 -20.35
N LEU B 44 19.68 -20.24 -21.00
CA LEU B 44 20.48 -19.23 -20.35
C LEU B 44 19.71 -18.53 -19.23
N ASN B 45 18.44 -18.25 -19.50
CA ASN B 45 17.56 -17.72 -18.46
C ASN B 45 17.48 -18.63 -17.21
N ASP B 46 17.24 -19.93 -17.39
CA ASP B 46 17.22 -20.87 -16.25
C ASP B 46 18.55 -20.92 -15.49
N LEU B 47 19.66 -20.97 -16.22
CA LEU B 47 20.98 -20.93 -15.56
C LEU B 47 21.15 -19.67 -14.73
N CYS B 48 20.79 -18.51 -15.27
CA CYS B 48 20.94 -17.25 -14.53
C CYS B 48 19.98 -17.15 -13.32
N HIS B 49 18.73 -17.56 -13.55
CA HIS B 49 17.72 -17.51 -12.49
C HIS B 49 18.18 -18.31 -11.26
N ASN B 50 18.64 -19.54 -11.48
CA ASN B 50 19.10 -20.37 -10.38
C ASN B 50 20.41 -19.86 -9.74
N PHE B 51 21.27 -19.26 -10.55
CA PHE B 51 22.48 -18.63 -10.03
C PHE B 51 22.10 -17.54 -9.02
N ILE B 52 21.21 -16.63 -9.44
CA ILE B 52 20.74 -15.53 -8.60
C ILE B 52 20.05 -15.98 -7.30
N THR B 53 19.09 -16.92 -7.41
CA THR B 53 18.34 -17.36 -6.23
C THR B 53 19.22 -18.22 -5.29
N SER B 54 20.16 -18.98 -5.85
CA SER B 54 21.09 -19.72 -4.99
C SER B 54 22.07 -18.81 -4.22
N HIS B 55 22.11 -17.52 -4.57
CA HIS B 55 22.85 -16.51 -3.77
C HIS B 55 21.93 -15.69 -2.85
N ASN B 56 20.74 -16.21 -2.56
CA ASN B 56 19.73 -15.53 -1.73
C ASN B 56 19.33 -14.14 -2.27
N ALA B 57 19.22 -14.02 -3.60
CA ALA B 57 18.76 -12.78 -4.24
C ALA B 57 17.56 -13.08 -5.13
N ILE B 58 16.93 -12.02 -5.63
CA ILE B 58 15.73 -12.12 -6.46
C ILE B 58 16.07 -11.57 -7.84
N PRO B 59 15.59 -12.23 -8.93
CA PRO B 59 15.69 -11.63 -10.27
C PRO B 59 14.62 -10.58 -10.49
N ALA B 60 15.04 -9.31 -10.54
CA ALA B 60 14.06 -8.17 -10.66
C ALA B 60 13.16 -8.21 -11.90
N PRO B 61 13.67 -8.71 -13.05
CA PRO B 61 12.77 -8.71 -14.21
C PRO B 61 11.58 -9.67 -14.10
N LEU B 62 11.70 -10.71 -13.28
CA LEU B 62 10.62 -11.70 -13.15
C LEU B 62 9.28 -11.10 -12.71
N ASN B 63 8.32 -11.12 -13.64
CA ASN B 63 7.00 -10.52 -13.46
C ASN B 63 7.00 -9.02 -13.30
N TYR B 64 8.10 -8.36 -13.69
CA TYR B 64 8.16 -6.91 -13.63
C TYR B 64 7.28 -6.34 -14.73
N LYS B 65 6.22 -5.64 -14.34
CA LYS B 65 5.17 -5.21 -15.27
C LYS B 65 4.69 -6.34 -16.21
N GLY B 66 4.64 -7.56 -15.68
CA GLY B 66 4.26 -8.70 -16.49
C GLY B 66 5.35 -9.42 -17.27
N PHE B 67 6.59 -8.89 -17.32
CA PHE B 67 7.71 -9.60 -17.99
C PHE B 67 7.81 -11.07 -17.55
N PRO B 68 7.79 -12.01 -18.51
CA PRO B 68 7.59 -13.41 -18.15
C PRO B 68 8.84 -14.22 -17.83
N LYS B 69 10.01 -13.58 -17.78
CA LYS B 69 11.31 -14.29 -17.58
C LYS B 69 12.21 -13.55 -16.58
N SER B 70 13.36 -14.15 -16.22
CA SER B 70 14.22 -13.65 -15.13
C SER B 70 15.35 -12.76 -15.65
N ILE B 71 15.60 -12.84 -16.96
CA ILE B 71 16.61 -12.01 -17.65
C ILE B 71 16.00 -11.55 -18.98
N CYS B 72 16.60 -10.53 -19.60
CA CYS B 72 16.31 -10.17 -21.00
C CYS B 72 17.48 -10.65 -21.85
N THR B 73 17.18 -11.13 -23.05
CA THR B 73 18.19 -11.60 -23.99
C THR B 73 17.84 -11.01 -25.37
N SER B 74 18.71 -10.16 -25.85
CA SER B 74 18.42 -9.38 -27.05
C SER B 74 19.42 -9.79 -28.12
N ILE B 75 18.94 -10.43 -29.18
CA ILE B 75 19.81 -10.98 -30.22
C ILE B 75 19.82 -10.09 -31.47
N ASN B 76 21.03 -9.75 -31.94
CA ASN B 76 21.21 -9.11 -33.29
C ASN B 76 20.44 -7.79 -33.49
N HIS B 77 19.43 -7.76 -34.36
CA HIS B 77 18.61 -6.54 -34.57
C HIS B 77 17.62 -6.18 -33.43
N VAL B 78 17.51 -7.06 -32.42
CA VAL B 78 16.75 -6.73 -31.19
C VAL B 78 17.56 -5.71 -30.36
N VAL B 79 16.94 -4.58 -30.08
CA VAL B 79 17.61 -3.46 -29.42
C VAL B 79 17.67 -3.67 -27.90
N CYS B 80 16.55 -4.08 -27.31
CA CYS B 80 16.51 -4.32 -25.85
C CYS B 80 15.25 -5.07 -25.47
N HIS B 81 15.24 -5.61 -24.26
CA HIS B 81 14.07 -6.28 -23.64
C HIS B 81 13.59 -7.51 -24.36
N GLY B 82 14.50 -8.18 -25.06
CA GLY B 82 14.14 -9.44 -25.70
C GLY B 82 13.72 -10.49 -24.64
N ILE B 83 12.78 -11.38 -25.00
CA ILE B 83 12.25 -12.35 -24.07
C ILE B 83 12.84 -13.72 -24.37
N PRO B 84 13.50 -14.34 -23.38
CA PRO B 84 14.06 -15.67 -23.62
C PRO B 84 13.03 -16.61 -24.25
N ASN B 85 13.48 -17.46 -25.15
CA ASN B 85 12.59 -18.40 -25.85
C ASN B 85 13.36 -19.66 -26.26
N ASP B 86 12.71 -20.50 -27.09
CA ASP B 86 13.25 -21.80 -27.52
C ASP B 86 14.08 -21.78 -28.80
N LYS B 87 14.32 -20.59 -29.37
CA LYS B 87 15.08 -20.49 -30.64
C LYS B 87 16.56 -20.75 -30.39
N PRO B 88 17.20 -21.62 -31.20
CA PRO B 88 18.63 -21.82 -30.97
C PRO B 88 19.44 -20.60 -31.42
N LEU B 89 20.41 -20.18 -30.63
CA LEU B 89 21.39 -19.18 -31.09
C LEU B 89 22.23 -19.79 -32.21
N LYS B 90 22.70 -18.96 -33.13
CA LYS B 90 23.46 -19.45 -34.31
C LYS B 90 24.87 -18.89 -34.29
N ASN B 91 25.81 -19.66 -34.80
CA ASN B 91 27.17 -19.18 -35.02
C ASN B 91 27.14 -17.79 -35.67
N GLY B 92 27.79 -16.81 -35.07
CA GLY B 92 27.85 -15.47 -35.68
C GLY B 92 26.90 -14.45 -35.06
N ASP B 93 25.92 -14.91 -34.27
CA ASP B 93 24.98 -14.01 -33.61
C ASP B 93 25.73 -13.21 -32.54
N ILE B 94 25.18 -12.05 -32.20
CA ILE B 94 25.57 -11.34 -30.99
C ILE B 94 24.31 -11.25 -30.12
N VAL B 95 24.54 -11.28 -28.81
CA VAL B 95 23.45 -11.26 -27.84
C VAL B 95 23.77 -10.42 -26.62
N ASN B 96 22.81 -9.58 -26.22
CA ASN B 96 22.97 -8.82 -24.98
C ASN B 96 22.27 -9.64 -23.90
N ILE B 97 22.98 -9.90 -22.80
CA ILE B 97 22.34 -10.44 -21.63
C ILE B 97 22.25 -9.36 -20.56
N ASP B 98 21.01 -9.07 -20.12
CA ASP B 98 20.74 -7.97 -19.18
C ASP B 98 20.18 -8.55 -17.88
N VAL B 99 20.85 -8.26 -16.77
CA VAL B 99 20.54 -8.85 -15.47
C VAL B 99 20.20 -7.72 -14.49
N THR B 100 19.19 -7.92 -13.65
CA THR B 100 19.02 -7.09 -12.49
C THR B 100 18.75 -8.00 -11.30
N VAL B 101 19.56 -7.87 -10.25
CA VAL B 101 19.33 -8.61 -9.02
C VAL B 101 18.83 -7.70 -7.88
N ILE B 102 18.09 -8.28 -6.95
CA ILE B 102 17.66 -7.59 -5.71
C ILE B 102 18.30 -8.36 -4.58
N LEU B 103 19.24 -7.73 -3.90
CA LEU B 103 20.00 -8.33 -2.81
C LEU B 103 19.80 -7.50 -1.56
N ASP B 104 19.18 -8.11 -0.55
CA ASP B 104 18.75 -7.40 0.67
C ASP B 104 17.95 -6.13 0.35
N GLY B 105 17.17 -6.18 -0.72
CA GLY B 105 16.29 -5.06 -1.10
C GLY B 105 16.93 -3.97 -1.93
N TRP B 106 18.18 -4.19 -2.35
CA TRP B 106 18.92 -3.24 -3.18
C TRP B 106 19.13 -3.81 -4.58
N TYR B 107 19.03 -2.95 -5.60
CA TYR B 107 19.02 -3.38 -7.01
C TYR B 107 20.36 -3.16 -7.69
N GLY B 108 20.86 -4.20 -8.37
CA GLY B 108 22.07 -4.11 -9.18
C GLY B 108 21.73 -4.48 -10.61
N ASP B 109 22.04 -3.59 -11.55
CA ASP B 109 21.52 -3.67 -12.90
C ASP B 109 22.65 -3.50 -13.92
N THR B 110 22.86 -4.52 -14.77
CA THR B 110 24.04 -4.50 -15.68
C THR B 110 23.77 -5.43 -16.86
N SER B 111 24.35 -5.08 -18.00
CA SER B 111 24.21 -5.89 -19.21
C SER B 111 25.53 -5.84 -19.99
N ARG B 112 25.76 -6.87 -20.79
CA ARG B 112 27.00 -7.01 -21.55
C ARG B 112 26.64 -7.67 -22.89
N MET B 113 27.44 -7.40 -23.92
CA MET B 113 27.34 -8.12 -25.21
C MET B 113 28.12 -9.44 -25.15
N TYR B 114 27.64 -10.43 -25.89
CA TYR B 114 28.33 -11.74 -25.99
C TYR B 114 28.43 -12.20 -27.44
N TYR B 115 29.58 -12.78 -27.79
CA TYR B 115 29.74 -13.42 -29.10
C TYR B 115 29.21 -14.85 -29.07
N VAL B 116 28.49 -15.25 -30.12
CA VAL B 116 28.04 -16.64 -30.23
C VAL B 116 28.90 -17.30 -31.30
N GLY B 117 29.78 -18.22 -30.91
CA GLY B 117 30.69 -18.89 -31.85
C GLY B 117 31.66 -17.86 -32.41
N ASP B 118 31.87 -17.85 -33.73
CA ASP B 118 32.77 -16.89 -34.39
C ASP B 118 32.00 -15.70 -34.98
N VAL B 119 32.37 -14.49 -34.56
CA VAL B 119 31.63 -13.28 -34.95
C VAL B 119 32.41 -12.46 -35.99
N ALA B 120 31.72 -11.88 -36.97
CA ALA B 120 32.39 -11.22 -38.11
C ALA B 120 32.89 -9.85 -37.65
N ILE B 121 33.68 -9.19 -38.47
CA ILE B 121 34.27 -7.87 -38.13
C ILE B 121 33.27 -6.74 -37.83
N LYS B 122 32.19 -6.63 -38.61
CA LYS B 122 31.27 -5.49 -38.45
C LYS B 122 30.50 -5.54 -37.14
N PRO B 123 29.99 -6.72 -36.76
CA PRO B 123 29.40 -6.78 -35.40
C PRO B 123 30.39 -6.46 -34.27
N LYS B 124 31.63 -6.94 -34.35
CA LYS B 124 32.66 -6.64 -33.33
C LYS B 124 32.95 -5.15 -33.18
N ARG B 125 33.12 -4.44 -34.29
CA ARG B 125 33.27 -2.99 -34.30
C ARG B 125 32.08 -2.26 -33.64
N LEU B 126 30.84 -2.67 -33.96
CA LEU B 126 29.65 -2.09 -33.33
C LEU B 126 29.70 -2.26 -31.82
N ILE B 127 30.04 -3.47 -31.37
CA ILE B 127 30.12 -3.76 -29.93
C ILE B 127 31.22 -2.92 -29.24
N GLN B 128 32.37 -2.78 -29.91
CA GLN B 128 33.47 -2.02 -29.32
C GLN B 128 33.08 -0.56 -29.14
N VAL B 129 32.57 0.06 -30.20
CA VAL B 129 32.12 1.46 -30.11
C VAL B 129 31.04 1.67 -29.02
N THR B 130 30.09 0.73 -28.93
CA THR B 130 29.06 0.77 -27.89
C THR B 130 29.66 0.72 -26.49
N TYR B 131 30.57 -0.23 -26.24
CA TYR B 131 31.26 -0.27 -24.95
C TYR B 131 31.96 1.07 -24.63
N ASP B 132 32.71 1.60 -25.60
CA ASP B 132 33.46 2.86 -25.42
C ASP B 132 32.59 4.08 -25.26
N ALA B 133 31.45 4.13 -25.98
CA ALA B 133 30.51 5.24 -25.81
C ALA B 133 29.91 5.23 -24.39
N MET B 134 29.51 4.05 -23.90
CA MET B 134 29.04 3.95 -22.50
C MET B 134 30.10 4.51 -21.56
N MET B 135 31.34 4.12 -21.78
CA MET B 135 32.44 4.63 -20.93
C MET B 135 32.64 6.14 -21.03
N LYS B 136 32.53 6.73 -22.22
CA LYS B 136 32.57 8.20 -22.36
C LYS B 136 31.47 8.87 -21.49
N GLY B 137 30.26 8.29 -21.50
CA GLY B 137 29.15 8.76 -20.67
C GLY B 137 29.42 8.69 -19.16
N ILE B 138 29.89 7.54 -18.69
CA ILE B 138 30.21 7.34 -17.27
C ILE B 138 31.34 8.30 -16.85
N GLU B 139 32.38 8.42 -17.69
CA GLU B 139 33.57 9.20 -17.35
C GLU B 139 33.37 10.70 -17.11
N VAL B 140 32.25 11.28 -17.59
CA VAL B 140 31.90 12.67 -17.23
C VAL B 140 31.28 12.83 -15.82
N VAL B 141 30.95 11.71 -15.18
CA VAL B 141 30.21 11.77 -13.93
C VAL B 141 31.07 12.24 -12.73
N ARG B 142 30.62 13.31 -12.07
CA ARG B 142 31.18 13.81 -10.79
C ARG B 142 30.23 14.89 -10.25
N PRO B 143 30.35 15.25 -8.96
CA PRO B 143 29.56 16.41 -8.50
C PRO B 143 29.84 17.70 -9.31
N GLY B 144 28.77 18.43 -9.63
CA GLY B 144 28.85 19.64 -10.44
C GLY B 144 28.63 19.45 -11.94
N ALA B 145 28.85 18.23 -12.45
CA ALA B 145 28.56 17.93 -13.85
C ALA B 145 27.03 18.02 -14.05
N LYS B 146 26.60 18.17 -15.31
CA LYS B 146 25.17 18.25 -15.61
C LYS B 146 24.69 16.98 -16.30
N LEU B 147 23.41 16.66 -16.10
CA LEU B 147 22.84 15.42 -16.62
C LEU B 147 23.07 15.29 -18.13
N GLY B 148 22.83 16.37 -18.86
CA GLY B 148 22.95 16.38 -20.31
C GLY B 148 24.35 16.11 -20.85
N ASP B 149 25.36 16.32 -20.01
CA ASP B 149 26.75 15.99 -20.31
C ASP B 149 26.94 14.49 -20.61
N ILE B 150 26.23 13.61 -19.90
CA ILE B 150 26.33 12.15 -20.15
C ILE B 150 25.86 11.80 -21.58
N GLY B 151 24.65 12.25 -21.91
CA GLY B 151 24.04 12.03 -23.24
C GLY B 151 24.91 12.60 -24.35
N TYR B 152 25.33 13.84 -24.17
CA TYR B 152 26.23 14.46 -25.16
C TYR B 152 27.50 13.64 -25.42
N ALA B 153 28.13 13.13 -24.36
CA ALA B 153 29.37 12.35 -24.50
C ALA B 153 29.13 11.02 -25.24
N ILE B 154 28.05 10.32 -24.88
CA ILE B 154 27.68 9.06 -25.53
C ILE B 154 27.35 9.33 -27.00
N GLN B 155 26.48 10.30 -27.26
CA GLN B 155 26.02 10.58 -28.63
C GLN B 155 27.13 11.08 -29.54
N SER B 156 27.94 12.04 -29.07
CA SER B 156 29.10 12.47 -29.84
C SER B 156 30.01 11.33 -30.26
N TYR B 157 30.33 10.45 -29.31
CA TYR B 157 31.28 9.37 -29.59
C TYR B 157 30.73 8.38 -30.61
N ALA B 158 29.52 7.88 -30.35
CA ALA B 158 28.86 6.94 -31.25
C ALA B 158 28.71 7.50 -32.65
N GLU B 159 28.26 8.75 -32.74
CA GLU B 159 27.99 9.34 -34.03
C GLU B 159 29.26 9.62 -34.82
N LYS B 160 30.32 10.02 -34.14
CA LYS B 160 31.60 10.29 -34.79
C LYS B 160 32.30 9.00 -35.27
N HIS B 161 31.87 7.86 -34.73
CA HIS B 161 32.31 6.56 -35.26
C HIS B 161 31.30 5.92 -36.22
N ASN B 162 30.42 6.73 -36.78
CA ASN B 162 29.48 6.32 -37.84
C ASN B 162 28.33 5.40 -37.42
N TYR B 163 27.89 5.50 -36.17
CA TYR B 163 26.74 4.72 -35.69
C TYR B 163 25.62 5.67 -35.18
N SER B 164 24.43 5.13 -34.90
CA SER B 164 23.29 5.98 -34.48
C SER B 164 22.90 5.64 -33.05
N VAL B 165 22.15 6.53 -32.40
CA VAL B 165 21.82 6.40 -30.99
C VAL B 165 20.30 6.24 -30.80
N VAL B 166 19.89 5.14 -30.17
CA VAL B 166 18.48 4.90 -29.81
C VAL B 166 18.02 5.97 -28.79
N ARG B 167 16.85 6.58 -29.02
CA ARG B 167 16.42 7.73 -28.22
C ARG B 167 15.37 7.44 -27.17
N ASP B 168 14.66 6.34 -27.35
CA ASP B 168 13.41 6.20 -26.64
C ASP B 168 13.55 5.51 -25.30
N TYR B 169 14.65 4.79 -25.10
CA TYR B 169 14.84 4.02 -23.89
C TYR B 169 16.06 4.65 -23.24
N THR B 170 16.02 4.75 -21.90
CA THR B 170 17.05 5.50 -21.15
C THR B 170 17.55 4.73 -19.91
N GLY B 171 18.66 5.23 -19.35
CA GLY B 171 19.10 4.84 -18.03
C GLY B 171 18.16 5.46 -17.00
N HIS B 172 18.37 5.19 -15.72
CA HIS B 172 17.41 5.57 -14.69
C HIS B 172 18.06 5.56 -13.33
N GLY B 173 17.51 6.36 -12.41
CA GLY B 173 17.83 6.23 -11.00
C GLY B 173 17.53 4.80 -10.54
N ILE B 174 18.21 4.38 -9.49
CA ILE B 174 18.12 3.04 -8.95
C ILE B 174 18.58 3.04 -7.49
N GLY B 175 18.08 2.09 -6.71
CA GLY B 175 18.62 1.84 -5.38
C GLY B 175 17.79 0.80 -4.70
N ARG B 176 16.90 1.23 -3.79
CA ARG B 176 15.84 0.34 -3.25
C ARG B 176 14.65 0.18 -4.23
N VAL B 177 14.78 0.80 -5.40
CA VAL B 177 13.72 0.80 -6.42
C VAL B 177 14.39 0.50 -7.77
N PHE B 178 13.67 -0.18 -8.67
CA PHE B 178 14.24 -0.63 -9.94
C PHE B 178 14.46 0.57 -10.88
N HIS B 179 13.38 1.30 -11.15
CA HIS B 179 13.43 2.45 -12.03
C HIS B 179 12.96 3.69 -11.27
N ASP B 180 13.88 4.63 -11.04
CA ASP B 180 13.58 5.87 -10.29
C ASP B 180 14.05 7.08 -11.12
N LYS B 181 13.81 8.27 -10.58
CA LYS B 181 14.26 9.52 -11.19
C LYS B 181 15.76 9.64 -10.92
N PRO B 182 16.52 10.30 -11.82
CA PRO B 182 16.07 10.84 -13.12
C PRO B 182 16.25 9.85 -14.28
N SER B 183 15.70 10.22 -15.44
CA SER B 183 16.03 9.55 -16.70
CA SER B 183 16.01 9.56 -16.70
C SER B 183 17.42 9.95 -17.17
N ILE B 184 18.23 8.95 -17.51
CA ILE B 184 19.60 9.18 -18.04
C ILE B 184 19.60 9.01 -19.56
N LEU B 185 19.44 10.12 -20.27
CA LEU B 185 19.36 10.08 -21.73
C LEU B 185 20.69 9.71 -22.40
N ASN B 186 20.61 9.01 -23.54
CA ASN B 186 21.80 8.63 -24.29
C ASN B 186 22.24 9.62 -25.36
N TYR B 187 21.53 10.74 -25.43
CA TYR B 187 21.77 11.80 -26.39
C TYR B 187 21.47 13.10 -25.68
N GLY B 188 21.95 14.21 -26.21
CA GLY B 188 21.60 15.51 -25.65
C GLY B 188 22.61 16.59 -26.00
N ARG B 189 22.25 17.83 -25.66
CA ARG B 189 23.17 18.95 -25.70
C ARG B 189 23.99 19.00 -24.40
N ASN B 190 25.29 19.28 -24.53
CA ASN B 190 26.18 19.47 -23.40
C ASN B 190 25.73 20.58 -22.45
N GLY B 191 25.85 20.35 -21.14
CA GLY B 191 25.53 21.37 -20.16
C GLY B 191 24.07 21.59 -19.79
N THR B 192 23.14 20.88 -20.42
CA THR B 192 21.72 21.04 -20.05
C THR B 192 21.35 20.14 -18.85
N GLY B 193 20.18 20.38 -18.27
CA GLY B 193 19.62 19.49 -17.24
C GLY B 193 20.14 19.75 -15.84
N LEU B 194 19.61 18.98 -14.89
CA LEU B 194 19.95 19.12 -13.46
C LEU B 194 21.42 18.83 -13.14
N THR B 195 21.91 19.41 -12.04
CA THR B 195 23.29 19.22 -11.57
C THR B 195 23.44 17.91 -10.77
N LEU B 196 24.43 17.08 -11.15
CA LEU B 196 24.73 15.85 -10.42
C LEU B 196 25.34 16.16 -9.05
N LYS B 197 25.05 15.30 -8.08
CA LYS B 197 25.49 15.52 -6.70
C LYS B 197 26.02 14.21 -6.13
N GLU B 198 26.88 14.32 -5.13
CA GLU B 198 27.42 13.14 -4.47
C GLU B 198 26.24 12.33 -3.91
N GLY B 199 26.27 11.02 -4.15
CA GLY B 199 25.31 10.14 -3.50
C GLY B 199 24.13 9.75 -4.37
N MET B 200 24.11 10.24 -5.61
CA MET B 200 23.11 9.83 -6.59
C MET B 200 23.52 8.47 -7.16
N PHE B 201 22.54 7.58 -7.31
CA PHE B 201 22.77 6.30 -8.01
C PHE B 201 21.88 6.25 -9.25
N PHE B 202 22.43 5.74 -10.36
CA PHE B 202 21.71 5.59 -11.61
C PHE B 202 22.45 4.66 -12.56
N THR B 203 21.78 4.27 -13.65
CA THR B 203 22.40 3.40 -14.65
C THR B 203 22.77 4.22 -15.89
N VAL B 204 23.77 3.75 -16.62
CA VAL B 204 24.07 4.26 -17.96
C VAL B 204 23.97 3.07 -18.88
N GLU B 205 23.02 3.09 -19.81
CA GLU B 205 22.74 1.92 -20.65
C GLU B 205 22.47 2.25 -22.13
N PRO B 206 23.48 2.77 -22.85
CA PRO B 206 23.19 3.15 -24.24
C PRO B 206 22.98 1.94 -25.19
N MET B 207 22.04 2.12 -26.13
CA MET B 207 21.83 1.21 -27.26
C MET B 207 22.25 1.95 -28.52
N ILE B 208 23.12 1.32 -29.29
CA ILE B 208 23.74 1.89 -30.47
C ILE B 208 23.40 0.99 -31.67
N ASN B 209 22.95 1.59 -32.78
CA ASN B 209 22.59 0.87 -34.00
C ASN B 209 23.65 1.04 -35.10
N ALA B 210 23.88 -0.02 -35.89
CA ALA B 210 24.77 0.07 -37.06
C ALA B 210 24.14 0.93 -38.16
N GLY B 211 22.81 0.82 -38.30
CA GLY B 211 22.08 1.58 -39.31
C GLY B 211 21.37 2.79 -38.72
N ASN B 212 20.13 3.00 -39.16
CA ASN B 212 19.29 4.12 -38.72
C ASN B 212 18.91 3.99 -37.23
N TYR B 213 18.71 5.13 -36.56
CA TYR B 213 18.39 5.20 -35.14
C TYR B 213 17.00 4.66 -34.77
N ASP B 214 16.11 4.54 -35.74
CA ASP B 214 14.66 4.32 -35.48
C ASP B 214 14.33 2.90 -35.01
N THR B 215 13.51 2.81 -33.97
CA THR B 215 13.12 1.50 -33.39
C THR B 215 11.60 1.27 -33.30
N ILE B 216 11.21 0.01 -33.06
CA ILE B 216 9.83 -0.47 -33.05
C ILE B 216 9.63 -1.31 -31.81
N LEU B 217 8.62 -0.98 -31.00
CA LEU B 217 8.22 -1.86 -29.87
C LEU B 217 7.20 -2.88 -30.38
N SER B 218 7.42 -4.15 -30.05
CA SER B 218 6.46 -5.21 -30.42
C SER B 218 5.10 -4.96 -29.79
N LYS B 219 4.10 -4.72 -30.62
CA LYS B 219 2.73 -4.62 -30.12
C LYS B 219 2.29 -6.03 -29.66
N LEU B 220 2.79 -7.05 -30.36
CA LEU B 220 2.43 -8.44 -30.05
C LEU B 220 2.85 -8.90 -28.63
N ASP B 221 4.11 -8.68 -28.24
CA ASP B 221 4.55 -9.12 -26.90
C ASP B 221 4.68 -8.01 -25.83
N GLY B 222 4.56 -6.75 -26.25
CA GLY B 222 4.61 -5.64 -25.30
C GLY B 222 6.01 -5.26 -24.80
N TRP B 223 7.06 -6.00 -25.23
CA TRP B 223 8.41 -5.78 -24.68
C TRP B 223 9.54 -5.63 -25.70
N THR B 224 9.58 -6.50 -26.72
CA THR B 224 10.74 -6.59 -27.63
C THR B 224 10.89 -5.38 -28.57
N VAL B 225 12.03 -4.70 -28.47
CA VAL B 225 12.34 -3.52 -29.28
C VAL B 225 13.32 -3.97 -30.35
N THR B 226 13.03 -3.65 -31.62
CA THR B 226 13.93 -3.98 -32.73
C THR B 226 14.24 -2.72 -33.54
N THR B 227 15.34 -2.75 -34.29
CA THR B 227 15.63 -1.63 -35.23
C THR B 227 14.63 -1.69 -36.39
N ARG B 228 14.11 -0.54 -36.83
CA ARG B 228 13.16 -0.54 -37.95
CA ARG B 228 13.17 -0.54 -37.95
C ARG B 228 13.81 -1.09 -39.24
N ASP B 229 15.07 -0.72 -39.49
CA ASP B 229 15.77 -1.17 -40.70
C ASP B 229 16.38 -2.55 -40.59
N LYS B 230 16.24 -3.19 -39.43
CA LYS B 230 16.74 -4.55 -39.21
C LYS B 230 18.27 -4.57 -39.13
N SER B 231 18.90 -3.42 -38.98
CA SER B 231 20.34 -3.38 -38.76
C SER B 231 20.69 -3.89 -37.35
N LEU B 232 21.95 -4.30 -37.13
CA LEU B 232 22.38 -4.72 -35.78
C LEU B 232 22.31 -3.59 -34.75
N SER B 233 22.08 -3.95 -33.48
CA SER B 233 22.08 -3.03 -32.34
C SER B 233 22.81 -3.66 -31.16
N ALA B 234 23.60 -2.87 -30.44
CA ALA B 234 24.31 -3.36 -29.23
C ALA B 234 24.09 -2.42 -28.04
N GLN B 235 24.20 -2.99 -26.84
CA GLN B 235 24.01 -2.30 -25.58
C GLN B 235 25.02 -2.80 -24.53
N PHE B 236 25.49 -1.90 -23.67
CA PHE B 236 26.13 -2.28 -22.41
C PHE B 236 25.42 -1.45 -21.33
N GLU B 237 25.46 -1.91 -20.08
CA GLU B 237 24.86 -1.19 -18.96
C GLU B 237 25.69 -1.35 -17.69
N HIS B 238 25.89 -0.25 -16.95
CA HIS B 238 26.41 -0.32 -15.59
C HIS B 238 25.50 0.42 -14.60
N THR B 239 25.53 0.01 -13.32
CA THR B 239 24.95 0.78 -12.23
C THR B 239 26.12 1.55 -11.60
N ILE B 240 25.96 2.87 -11.41
CA ILE B 240 27.03 3.75 -10.89
C ILE B 240 26.56 4.67 -9.75
N GLY B 241 27.51 5.18 -8.96
CA GLY B 241 27.19 6.18 -7.94
C GLY B 241 28.10 7.38 -8.10
N VAL B 242 27.60 8.57 -7.75
CA VAL B 242 28.42 9.77 -7.77
C VAL B 242 29.19 9.89 -6.44
N THR B 243 30.52 9.87 -6.50
CA THR B 243 31.38 10.00 -5.28
C THR B 243 31.68 11.47 -5.02
N LYS B 244 32.61 11.76 -4.10
CA LYS B 244 33.04 13.14 -3.83
C LYS B 244 33.64 13.83 -5.03
N ASP B 245 34.44 13.09 -5.82
CA ASP B 245 35.29 13.62 -6.89
C ASP B 245 34.93 13.12 -8.29
N GLY B 246 34.11 12.06 -8.36
CA GLY B 246 33.89 11.39 -9.64
C GLY B 246 32.74 10.38 -9.55
N PHE B 247 33.00 9.16 -10.01
CA PHE B 247 32.00 8.09 -10.07
C PHE B 247 32.58 6.80 -9.47
N GLU B 248 31.69 5.87 -9.15
CA GLU B 248 32.05 4.51 -8.79
C GLU B 248 31.07 3.57 -9.53
N ILE B 249 31.62 2.57 -10.21
CA ILE B 249 30.82 1.56 -10.89
C ILE B 249 30.58 0.39 -9.93
N PHE B 250 29.32 0.17 -9.54
CA PHE B 250 28.96 -0.91 -8.61
C PHE B 250 29.02 -2.28 -9.28
N THR B 251 28.72 -2.31 -10.58
CA THR B 251 28.59 -3.56 -11.35
C THR B 251 29.90 -4.01 -12.04
N LEU B 252 31.00 -4.03 -11.29
CA LEU B 252 32.27 -4.51 -11.86
C LEU B 252 32.53 -5.97 -11.47
N SER C 4 -16.33 47.63 35.74
CA SER C 4 -17.23 47.99 34.59
C SER C 4 -17.90 46.74 33.99
N MET C 5 -19.18 46.87 33.66
CA MET C 5 -19.97 45.77 33.11
C MET C 5 -19.64 45.46 31.64
N ILE C 6 -19.95 44.24 31.19
CA ILE C 6 -19.90 43.91 29.76
C ILE C 6 -20.82 44.89 29.02
N LYS C 7 -20.34 45.43 27.90
CA LYS C 7 -21.13 46.40 27.13
C LYS C 7 -22.33 45.74 26.44
N ILE C 8 -23.48 46.39 26.58
CA ILE C 8 -24.71 46.00 25.90
C ILE C 8 -24.91 46.99 24.75
N HIS C 9 -25.09 46.46 23.54
CA HIS C 9 -25.24 47.27 22.34
C HIS C 9 -26.67 47.27 21.79
N THR C 10 -27.08 48.38 21.19
CA THR C 10 -28.43 48.52 20.60
C THR C 10 -28.39 48.20 19.09
N GLU C 11 -29.54 48.14 18.45
CA GLU C 11 -29.63 47.81 17.01
C GLU C 11 -28.71 48.66 16.10
N LYS C 12 -28.67 49.97 16.31
CA LYS C 12 -27.77 50.86 15.55
C LYS C 12 -26.30 50.39 15.54
N ASP C 13 -25.81 49.85 16.65
CA ASP C 13 -24.45 49.28 16.74
C ASP C 13 -24.30 47.99 15.93
N PHE C 14 -25.37 47.20 15.89
CA PHE C 14 -25.37 45.96 15.11
C PHE C 14 -25.09 46.25 13.65
N ILE C 15 -25.75 47.28 13.13
CA ILE C 15 -25.62 47.68 11.73
C ILE C 15 -24.16 48.03 11.39
N LYS C 16 -23.53 48.79 12.28
CA LYS C 16 -22.13 49.20 12.17
C LYS C 16 -21.21 47.98 12.21
N MET C 17 -21.50 47.04 13.09
CA MET C 17 -20.71 45.82 13.22
C MET C 17 -20.89 44.86 12.03
N ARG C 18 -22.11 44.84 11.44
CA ARG C 18 -22.35 44.09 10.18
C ARG C 18 -21.46 44.62 9.05
N ALA C 19 -21.32 45.94 8.95
CA ALA C 19 -20.47 46.56 7.93
C ALA C 19 -18.98 46.25 8.10
N ALA C 20 -18.46 46.42 9.33
CA ALA C 20 -17.08 46.08 9.65
C ALA C 20 -16.82 44.59 9.45
N GLY C 21 -17.74 43.76 9.96
CA GLY C 21 -17.64 42.31 9.82
C GLY C 21 -17.61 41.85 8.37
N LYS C 22 -18.51 42.39 7.55
CA LYS C 22 -18.56 42.05 6.12
C LYS C 22 -17.24 42.37 5.39
N LEU C 23 -16.67 43.54 5.66
CA LEU C 23 -15.44 43.94 5.03
C LEU C 23 -14.27 43.01 5.44
N ALA C 24 -14.20 42.64 6.72
CA ALA C 24 -13.15 41.68 7.14
C ALA C 24 -13.28 40.37 6.38
N ALA C 25 -14.50 39.87 6.24
CA ALA C 25 -14.80 38.62 5.51
C ALA C 25 -14.42 38.74 4.04
N GLU C 26 -14.70 39.90 3.43
CA GLU C 26 -14.31 40.16 2.04
C GLU C 26 -12.79 40.19 1.84
N THR C 27 -12.04 40.64 2.85
CA THR C 27 -10.59 40.60 2.81
C THR C 27 -10.10 39.14 2.75
N LEU C 28 -10.70 38.27 3.57
CA LEU C 28 -10.37 36.84 3.58
C LEU C 28 -10.82 36.15 2.27
N ASP C 29 -11.96 36.56 1.70
CA ASP C 29 -12.34 36.05 0.36
C ASP C 29 -11.30 36.45 -0.70
N PHE C 30 -11.00 37.73 -0.72
CA PHE C 30 -10.06 38.33 -1.67
C PHE C 30 -8.69 37.64 -1.71
N ILE C 31 -8.16 37.32 -0.53
CA ILE C 31 -6.77 36.84 -0.47
C ILE C 31 -6.64 35.39 -0.96
N THR C 32 -7.74 34.63 -0.92
CA THR C 32 -7.73 33.19 -1.23
C THR C 32 -6.89 32.83 -2.46
N ASP C 33 -7.18 33.48 -3.59
CA ASP C 33 -6.53 33.12 -4.87
C ASP C 33 -5.01 33.44 -4.94
N HIS C 34 -4.54 34.28 -4.00
CA HIS C 34 -3.12 34.65 -3.95
C HIS C 34 -2.28 33.70 -3.09
N VAL C 35 -2.95 32.83 -2.33
CA VAL C 35 -2.27 31.83 -1.49
C VAL C 35 -1.86 30.66 -2.38
N LYS C 36 -0.56 30.48 -2.54
CA LYS C 36 -0.07 29.42 -3.40
C LYS C 36 1.42 29.17 -3.09
N PRO C 37 1.97 27.98 -3.44
CA PRO C 37 3.39 27.70 -3.22
C PRO C 37 4.27 28.83 -3.72
N ASN C 38 5.35 29.07 -2.99
CA ASN C 38 6.41 30.03 -3.36
C ASN C 38 6.11 31.53 -3.28
N VAL C 39 5.01 31.89 -2.64
CA VAL C 39 4.77 33.29 -2.32
C VAL C 39 5.02 33.42 -0.81
N THR C 40 5.36 34.62 -0.37
CA THR C 40 5.72 34.84 1.02
C THR C 40 4.50 35.39 1.75
N THR C 41 4.46 35.25 3.08
CA THR C 41 3.40 35.89 3.85
C THR C 41 3.47 37.42 3.88
N ASN C 42 4.68 37.96 3.72
CA ASN C 42 4.87 39.39 3.40
C ASN C 42 4.07 39.85 2.19
N SER C 43 4.08 39.09 1.09
CA SER C 43 3.31 39.48 -0.10
CA SER C 43 3.33 39.50 -0.09
C SER C 43 1.83 39.53 0.23
N LEU C 44 1.38 38.56 1.02
CA LEU C 44 -0.03 38.45 1.41
C LEU C 44 -0.40 39.63 2.32
N ASN C 45 0.51 39.97 3.23
CA ASN C 45 0.36 41.13 4.08
C ASN C 45 0.12 42.43 3.28
N ASP C 46 0.92 42.68 2.25
CA ASP C 46 0.76 43.90 1.44
C ASP C 46 -0.55 43.90 0.66
N LEU C 47 -0.95 42.74 0.14
CA LEU C 47 -2.22 42.63 -0.59
C LEU C 47 -3.41 42.96 0.31
N CYS C 48 -3.43 42.35 1.51
CA CYS C 48 -4.50 42.64 2.47
C CYS C 48 -4.48 44.08 2.97
N HIS C 49 -3.29 44.59 3.24
CA HIS C 49 -3.16 45.95 3.75
C HIS C 49 -3.81 46.97 2.78
N ASN C 50 -3.40 46.88 1.53
CA ASN C 50 -3.95 47.73 0.50
C ASN C 50 -5.43 47.50 0.16
N PHE C 51 -5.93 46.28 0.29
CA PHE C 51 -7.37 46.02 0.13
C PHE C 51 -8.14 46.77 1.23
N ILE C 52 -7.67 46.66 2.48
CA ILE C 52 -8.36 47.29 3.62
C ILE C 52 -8.35 48.82 3.49
N THR C 53 -7.19 49.41 3.27
CA THR C 53 -7.07 50.88 3.21
C THR C 53 -7.80 51.43 1.99
N SER C 54 -7.73 50.72 0.87
CA SER C 54 -8.52 51.11 -0.30
C SER C 54 -10.04 51.01 -0.08
N HIS C 55 -10.48 50.33 0.97
CA HIS C 55 -11.92 50.32 1.36
C HIS C 55 -12.24 51.30 2.51
N ASN C 56 -11.42 52.34 2.63
CA ASN C 56 -11.53 53.39 3.65
C ASN C 56 -11.54 52.86 5.09
N ALA C 57 -10.73 51.84 5.36
CA ALA C 57 -10.69 51.22 6.68
C ALA C 57 -9.25 51.12 7.17
N ILE C 58 -9.10 50.71 8.42
CA ILE C 58 -7.78 50.63 9.07
CA ILE C 58 -7.78 50.62 9.06
C ILE C 58 -7.48 49.17 9.44
N PRO C 59 -6.23 48.70 9.19
CA PRO C 59 -5.88 47.37 9.69
C PRO C 59 -5.49 47.45 11.17
N ALA C 60 -6.39 46.97 12.02
CA ALA C 60 -6.21 47.04 13.48
C ALA C 60 -4.88 46.48 13.99
N PRO C 61 -4.37 45.37 13.38
CA PRO C 61 -3.11 44.84 13.91
C PRO C 61 -1.87 45.76 13.77
N LEU C 62 -1.86 46.66 12.77
CA LEU C 62 -0.66 47.45 12.48
C LEU C 62 -0.26 48.32 13.66
N ASN C 63 0.91 48.00 14.23
CA ASN C 63 1.45 48.64 15.42
C ASN C 63 0.58 48.47 16.66
N TYR C 64 -0.29 47.46 16.66
CA TYR C 64 -1.08 47.18 17.87
C TYR C 64 -0.15 46.56 18.92
N LYS C 65 0.14 47.33 19.97
CA LYS C 65 1.17 46.97 20.96
C LYS C 65 2.51 46.59 20.29
N GLY C 66 2.86 47.27 19.21
CA GLY C 66 4.12 47.03 18.54
C GLY C 66 4.12 45.99 17.43
N PHE C 67 3.00 45.25 17.26
CA PHE C 67 2.85 44.27 16.17
C PHE C 67 3.28 44.86 14.82
N PRO C 68 4.23 44.21 14.13
CA PRO C 68 4.85 45.02 13.08
C PRO C 68 4.19 44.92 11.69
N LYS C 69 3.04 44.27 11.58
CA LYS C 69 2.40 44.05 10.25
C LYS C 69 0.88 44.30 10.30
N SER C 70 0.20 44.19 9.16
CA SER C 70 -1.24 44.52 9.06
C SER C 70 -2.18 43.33 9.27
N ILE C 71 -1.64 42.12 9.15
CA ILE C 71 -2.38 40.87 9.39
C ILE C 71 -1.48 39.90 10.18
N CYS C 72 -2.06 38.86 10.76
CA CYS C 72 -1.28 37.75 11.30
C CYS C 72 -1.31 36.60 10.29
N THR C 73 -0.20 35.94 10.13
CA THR C 73 -0.17 34.75 9.27
C THR C 73 0.55 33.63 10.03
N SER C 74 -0.18 32.55 10.27
CA SER C 74 0.31 31.47 11.09
C SER C 74 0.40 30.16 10.29
N ILE C 75 1.61 29.71 10.00
CA ILE C 75 1.87 28.51 9.20
C ILE C 75 2.09 27.23 10.04
N ASN C 76 1.44 26.13 9.67
CA ASN C 76 1.73 24.79 10.27
C ASN C 76 1.71 24.70 11.81
N HIS C 77 2.86 24.55 12.48
CA HIS C 77 2.88 24.42 13.95
C HIS C 77 2.82 25.76 14.68
N VAL C 78 2.77 26.87 13.93
CA VAL C 78 2.46 28.19 14.55
C VAL C 78 0.96 28.16 14.97
N VAL C 79 0.68 28.51 16.22
CA VAL C 79 -0.67 28.44 16.80
C VAL C 79 -1.49 29.68 16.52
N CYS C 80 -0.91 30.85 16.77
CA CYS C 80 -1.57 32.14 16.45
C CYS C 80 -0.53 33.25 16.43
N HIS C 81 -0.96 34.39 15.89
CA HIS C 81 -0.21 35.66 15.92
C HIS C 81 1.14 35.59 15.21
N GLY C 82 1.24 34.72 14.21
CA GLY C 82 2.46 34.65 13.41
C GLY C 82 2.66 35.97 12.64
N ILE C 83 3.93 36.35 12.45
CA ILE C 83 4.30 37.60 11.84
C ILE C 83 4.68 37.38 10.37
N PRO C 84 3.98 38.07 9.46
CA PRO C 84 4.35 38.01 8.06
C PRO C 84 5.86 38.23 7.86
N ASN C 85 6.45 37.41 6.98
CA ASN C 85 7.89 37.44 6.73
C ASN C 85 8.23 36.99 5.32
N ASP C 86 9.52 36.80 5.07
CA ASP C 86 10.04 36.52 3.74
C ASP C 86 10.20 35.03 3.39
N LYS C 87 9.67 34.12 4.22
CA LYS C 87 9.77 32.67 3.97
C LYS C 87 8.80 32.24 2.86
N PRO C 88 9.32 31.56 1.83
CA PRO C 88 8.31 31.11 0.84
C PRO C 88 7.39 30.02 1.43
N LEU C 89 6.07 30.18 1.25
CA LEU C 89 5.14 29.06 1.48
C LEU C 89 5.51 27.85 0.61
N LYS C 90 5.27 26.64 1.10
CA LYS C 90 5.59 25.42 0.36
C LYS C 90 4.32 24.61 0.10
N ASN C 91 4.32 23.85 -0.98
CA ASN C 91 3.28 22.86 -1.27
C ASN C 91 3.05 21.96 -0.04
N GLY C 92 1.79 21.84 0.36
CA GLY C 92 1.45 21.04 1.54
C GLY C 92 1.33 21.83 2.85
N ASP C 93 1.78 23.08 2.88
CA ASP C 93 1.62 23.92 4.08
C ASP C 93 0.14 24.25 4.32
N ILE C 94 -0.22 24.51 5.56
CA ILE C 94 -1.51 25.14 5.88
C ILE C 94 -1.20 26.48 6.52
N VAL C 95 -2.00 27.50 6.25
CA VAL C 95 -1.77 28.80 6.85
C VAL C 95 -3.06 29.43 7.35
N ASN C 96 -3.04 29.92 8.59
CA ASN C 96 -4.11 30.79 9.08
C ASN C 96 -3.82 32.23 8.68
N ILE C 97 -4.82 32.89 8.07
CA ILE C 97 -4.73 34.33 7.85
C ILE C 97 -5.77 35.00 8.74
N ASP C 98 -5.28 35.90 9.60
CA ASP C 98 -6.12 36.54 10.62
C ASP C 98 -6.19 38.06 10.37
N VAL C 99 -7.42 38.56 10.15
CA VAL C 99 -7.67 39.95 9.75
C VAL C 99 -8.54 40.66 10.79
N THR C 100 -8.19 41.91 11.11
CA THR C 100 -9.12 42.78 11.84
C THR C 100 -9.16 44.12 11.16
N VAL C 101 -10.36 44.56 10.81
CA VAL C 101 -10.51 45.89 10.20
C VAL C 101 -11.20 46.84 11.19
N ILE C 102 -10.87 48.12 11.09
CA ILE C 102 -11.62 49.17 11.77
C ILE C 102 -12.32 50.01 10.72
N LEU C 103 -13.66 49.97 10.73
CA LEU C 103 -14.47 50.67 9.75
C LEU C 103 -15.42 51.61 10.51
N ASP C 104 -15.22 52.91 10.31
CA ASP C 104 -15.95 53.98 11.03
C ASP C 104 -15.95 53.75 12.55
N GLY C 105 -14.79 53.31 13.05
CA GLY C 105 -14.59 53.16 14.46
C GLY C 105 -15.09 51.86 15.07
N TRP C 106 -15.52 50.91 14.23
CA TRP C 106 -15.96 49.59 14.64
C TRP C 106 -15.02 48.47 14.11
N TYR C 107 -14.76 47.50 14.98
CA TYR C 107 -13.79 46.43 14.70
C TYR C 107 -14.47 45.16 14.18
N GLY C 108 -13.95 44.64 13.06
CA GLY C 108 -14.35 43.34 12.52
C GLY C 108 -13.16 42.38 12.48
N ASP C 109 -13.29 41.24 13.17
CA ASP C 109 -12.15 40.36 13.50
C ASP C 109 -12.46 38.90 13.05
N THR C 110 -11.73 38.38 12.06
CA THR C 110 -12.03 37.01 11.55
C THR C 110 -10.78 36.36 10.97
N SER C 111 -10.69 35.03 11.08
CA SER C 111 -9.57 34.29 10.51
C SER C 111 -10.04 32.97 9.85
N ARG C 112 -9.28 32.49 8.86
CA ARG C 112 -9.56 31.19 8.22
C ARG C 112 -8.30 30.44 7.94
N MET C 113 -8.47 29.13 7.75
CA MET C 113 -7.38 28.30 7.27
C MET C 113 -7.32 28.28 5.73
N TYR C 114 -6.12 28.17 5.18
CA TYR C 114 -5.94 28.11 3.73
C TYR C 114 -4.98 26.97 3.40
N TYR C 115 -5.38 26.16 2.44
CA TYR C 115 -4.49 25.16 1.86
C TYR C 115 -3.44 25.82 0.97
N VAL C 116 -2.20 25.36 1.03
CA VAL C 116 -1.16 25.82 0.12
C VAL C 116 -0.82 24.69 -0.83
N GLY C 117 -1.23 24.82 -2.08
CA GLY C 117 -1.04 23.74 -3.07
C GLY C 117 -1.82 22.50 -2.68
N ASP C 118 -1.19 21.33 -2.77
CA ASP C 118 -1.86 20.07 -2.39
C ASP C 118 -1.56 19.69 -0.94
N VAL C 119 -2.63 19.55 -0.14
CA VAL C 119 -2.52 19.34 1.29
C VAL C 119 -2.88 17.88 1.65
N ALA C 120 -2.07 17.25 2.50
CA ALA C 120 -2.27 15.85 2.91
C ALA C 120 -3.55 15.68 3.76
N ILE C 121 -4.01 14.43 3.90
CA ILE C 121 -5.24 14.13 4.63
C ILE C 121 -5.22 14.55 6.12
N LYS C 122 -4.12 14.33 6.83
CA LYS C 122 -4.15 14.63 8.28
C LYS C 122 -4.34 16.13 8.55
N PRO C 123 -3.57 17.01 7.85
CA PRO C 123 -3.86 18.47 7.97
C PRO C 123 -5.31 18.86 7.58
N LYS C 124 -5.82 18.33 6.47
CA LYS C 124 -7.22 18.55 6.09
C LYS C 124 -8.21 18.18 7.22
N ARG C 125 -8.03 17.02 7.82
CA ARG C 125 -8.91 16.58 8.91
C ARG C 125 -8.87 17.51 10.12
N LEU C 126 -7.67 17.95 10.51
CA LEU C 126 -7.49 18.88 11.63
C LEU C 126 -8.25 20.20 11.35
N ILE C 127 -8.08 20.71 10.14
CA ILE C 127 -8.75 21.95 9.73
C ILE C 127 -10.29 21.81 9.82
N GLN C 128 -10.83 20.70 9.30
CA GLN C 128 -12.28 20.48 9.32
C GLN C 128 -12.84 20.46 10.74
N VAL C 129 -12.20 19.71 11.63
CA VAL C 129 -12.69 19.58 13.01
C VAL C 129 -12.64 20.92 13.76
N THR C 130 -11.58 21.69 13.53
CA THR C 130 -11.40 23.06 14.09
C THR C 130 -12.54 23.98 13.67
N TYR C 131 -12.86 23.96 12.39
CA TYR C 131 -13.99 24.77 11.92
C TYR C 131 -15.30 24.35 12.65
N ASP C 132 -15.57 23.05 12.65
CA ASP C 132 -16.79 22.49 13.24
C ASP C 132 -16.87 22.70 14.74
N ALA C 133 -15.71 22.63 15.40
CA ALA C 133 -15.58 22.96 16.84
C ALA C 133 -15.95 24.40 17.13
N MET C 134 -15.40 25.34 16.34
CA MET C 134 -15.80 26.74 16.42
C MET C 134 -17.34 26.91 16.26
N MET C 135 -17.91 26.25 15.26
CA MET C 135 -19.36 26.34 15.03
C MET C 135 -20.18 25.80 16.19
N LYS C 136 -19.72 24.71 16.85
CA LYS C 136 -20.44 24.19 18.01
C LYS C 136 -20.46 25.22 19.14
N GLY C 137 -19.38 25.98 19.26
CA GLY C 137 -19.28 27.00 20.32
C GLY C 137 -20.23 28.17 20.08
N ILE C 138 -20.24 28.65 18.84
CA ILE C 138 -21.12 29.74 18.41
C ILE C 138 -22.56 29.30 18.58
N GLU C 139 -22.87 28.06 18.17
CA GLU C 139 -24.24 27.55 18.22
C GLU C 139 -24.94 27.47 19.58
N VAL C 140 -24.19 27.47 20.69
CA VAL C 140 -24.87 27.55 22.00
C VAL C 140 -25.33 28.98 22.36
N VAL C 141 -24.92 29.97 21.55
CA VAL C 141 -25.06 31.37 21.96
C VAL C 141 -26.48 31.92 21.87
N ARG C 142 -26.99 32.40 23.00
CA ARG C 142 -28.28 33.06 23.10
C ARG C 142 -28.40 33.69 24.49
N PRO C 143 -29.31 34.66 24.67
CA PRO C 143 -29.56 35.12 26.05
C PRO C 143 -29.88 33.97 26.99
N GLY C 144 -29.29 33.97 28.18
CA GLY C 144 -29.62 32.97 29.18
C GLY C 144 -28.67 31.80 29.17
N ALA C 145 -27.98 31.60 28.05
CA ALA C 145 -26.92 30.62 28.00
C ALA C 145 -25.74 31.15 28.84
N LYS C 146 -24.83 30.25 29.23
CA LYS C 146 -23.72 30.66 30.11
C LYS C 146 -22.44 30.69 29.32
N LEU C 147 -21.53 31.54 29.75
CA LEU C 147 -20.26 31.74 29.06
C LEU C 147 -19.48 30.43 28.89
N GLY C 148 -19.41 29.64 29.95
CA GLY C 148 -18.74 28.37 29.89
C GLY C 148 -19.38 27.32 28.98
N ASP C 149 -20.63 27.54 28.56
CA ASP C 149 -21.28 26.65 27.58
C ASP C 149 -20.49 26.64 26.26
N ILE C 150 -19.94 27.80 25.91
CA ILE C 150 -19.14 27.93 24.69
CA ILE C 150 -19.11 27.95 24.70
C ILE C 150 -17.89 27.04 24.74
N GLY C 151 -17.09 27.21 25.80
CA GLY C 151 -15.82 26.47 25.94
C GLY C 151 -16.08 24.96 26.03
N TYR C 152 -17.11 24.58 26.77
CA TYR C 152 -17.51 23.17 26.87
C TYR C 152 -17.81 22.54 25.51
N ALA C 153 -18.63 23.22 24.71
CA ALA C 153 -19.00 22.75 23.36
C ALA C 153 -17.80 22.58 22.44
N ILE C 154 -16.93 23.58 22.47
CA ILE C 154 -15.72 23.59 21.65
C ILE C 154 -14.78 22.44 22.08
N GLN C 155 -14.39 22.41 23.35
CA GLN C 155 -13.50 21.36 23.87
C GLN C 155 -14.04 19.93 23.68
N SER C 156 -15.31 19.73 24.02
CA SER C 156 -15.94 18.42 23.86
C SER C 156 -15.84 17.91 22.42
N TYR C 157 -16.15 18.79 21.47
CA TYR C 157 -16.08 18.41 20.07
C TYR C 157 -14.66 18.07 19.62
N ALA C 158 -13.70 18.99 19.85
CA ALA C 158 -12.31 18.81 19.43
C ALA C 158 -11.71 17.55 20.05
N GLU C 159 -11.87 17.42 21.38
CA GLU C 159 -11.34 16.26 22.12
C GLU C 159 -11.92 14.92 21.70
N LYS C 160 -13.20 14.86 21.38
CA LYS C 160 -13.79 13.57 20.97
CA LYS C 160 -13.80 13.57 20.98
C LYS C 160 -13.30 13.12 19.60
N HIS C 161 -12.69 14.04 18.85
CA HIS C 161 -12.00 13.74 17.58
C HIS C 161 -10.48 13.51 17.73
N ASN C 162 -10.02 13.33 18.96
CA ASN C 162 -8.60 13.03 19.24
C ASN C 162 -7.67 14.23 19.06
N TYR C 163 -8.19 15.45 19.16
CA TYR C 163 -7.33 16.66 19.18
C TYR C 163 -7.26 17.32 20.57
N SER C 164 -6.43 18.35 20.72
CA SER C 164 -6.33 19.03 22.01
C SER C 164 -6.63 20.52 21.86
N VAL C 165 -6.90 21.18 22.98
CA VAL C 165 -7.39 22.57 22.99
C VAL C 165 -6.38 23.54 23.64
N VAL C 166 -5.97 24.55 22.87
CA VAL C 166 -5.02 25.57 23.36
C VAL C 166 -5.77 26.34 24.44
N ARG C 167 -5.13 26.51 25.60
CA ARG C 167 -5.79 27.11 26.76
C ARG C 167 -5.46 28.58 27.01
N ASP C 168 -4.28 29.02 26.58
CA ASP C 168 -3.77 30.31 27.07
C ASP C 168 -4.19 31.56 26.29
N TYR C 169 -4.84 31.37 25.14
CA TYR C 169 -5.24 32.48 24.29
C TYR C 169 -6.74 32.28 24.09
N THR C 170 -7.48 33.38 24.07
CA THR C 170 -8.95 33.32 24.14
C THR C 170 -9.59 34.29 23.14
N GLY C 171 -10.89 34.07 22.87
CA GLY C 171 -11.70 35.08 22.25
C GLY C 171 -11.93 36.26 23.19
N HIS C 172 -12.67 37.29 22.74
CA HIS C 172 -12.76 38.53 23.51
C HIS C 172 -13.96 39.36 23.11
N GLY C 173 -14.49 40.12 24.06
CA GLY C 173 -15.35 41.24 23.71
C GLY C 173 -14.68 42.16 22.67
N ILE C 174 -15.52 42.85 21.88
CA ILE C 174 -15.06 43.63 20.72
C ILE C 174 -16.18 44.63 20.40
N GLY C 175 -15.87 45.75 19.73
CA GLY C 175 -16.91 46.72 19.33
C GLY C 175 -16.24 47.99 18.85
N ARG C 176 -16.22 49.00 19.72
CA ARG C 176 -15.46 50.25 19.52
C ARG C 176 -14.03 50.06 20.05
N VAL C 177 -13.82 48.90 20.66
CA VAL C 177 -12.53 48.50 21.18
C VAL C 177 -12.13 47.17 20.55
N PHE C 178 -10.82 46.96 20.31
CA PHE C 178 -10.29 45.69 19.78
C PHE C 178 -10.50 44.50 20.72
N HIS C 179 -9.90 44.56 21.92
CA HIS C 179 -10.09 43.51 22.93
C HIS C 179 -10.74 44.08 24.20
N ASP C 180 -11.97 43.62 24.46
CA ASP C 180 -12.76 44.08 25.59
C ASP C 180 -13.25 42.85 26.38
N LYS C 181 -13.89 43.06 27.53
CA LYS C 181 -14.37 41.90 28.29
C LYS C 181 -15.64 41.35 27.60
N PRO C 182 -15.95 40.05 27.80
CA PRO C 182 -15.21 39.09 28.67
C PRO C 182 -14.18 38.31 27.85
N SER C 183 -13.31 37.54 28.48
CA SER C 183 -12.52 36.55 27.72
C SER C 183 -13.42 35.36 27.38
N ILE C 184 -13.33 34.90 26.14
CA ILE C 184 -14.15 33.78 25.65
C ILE C 184 -13.24 32.56 25.60
N LEU C 185 -13.28 31.74 26.65
CA LEU C 185 -12.41 30.55 26.73
C LEU C 185 -12.86 29.46 25.76
N ASN C 186 -11.90 28.73 25.20
CA ASN C 186 -12.15 27.61 24.29
C ASN C 186 -12.31 26.23 24.94
N TYR C 187 -12.34 26.23 26.28
CA TYR C 187 -12.44 25.03 27.06
C TYR C 187 -13.21 25.41 28.31
N GLY C 188 -13.83 24.42 28.94
CA GLY C 188 -14.37 24.60 30.27
C GLY C 188 -15.43 23.57 30.63
N ARG C 189 -16.05 23.80 31.77
CA ARG C 189 -17.13 22.94 32.26
C ARG C 189 -18.46 23.56 31.87
N ASN C 190 -19.39 22.70 31.44
CA ASN C 190 -20.71 23.14 31.00
C ASN C 190 -21.49 23.94 32.04
N GLY C 191 -22.21 24.95 31.56
CA GLY C 191 -23.04 25.78 32.45
C GLY C 191 -22.35 26.71 33.45
N THR C 192 -21.02 26.88 33.36
CA THR C 192 -20.30 27.80 34.27
C THR C 192 -20.28 29.20 33.69
N GLY C 193 -19.90 30.16 34.53
CA GLY C 193 -19.62 31.53 34.10
C GLY C 193 -20.83 32.44 34.11
N LEU C 194 -20.62 33.68 33.64
CA LEU C 194 -21.69 34.68 33.60
C LEU C 194 -22.71 34.38 32.52
N THR C 195 -23.87 35.04 32.58
CA THR C 195 -25.00 34.75 31.71
C THR C 195 -25.00 35.66 30.48
N LEU C 196 -25.13 35.08 29.29
CA LEU C 196 -25.14 35.86 28.04
C LEU C 196 -26.39 36.72 27.97
N LYS C 197 -26.25 37.93 27.45
CA LYS C 197 -27.38 38.83 27.26
C LYS C 197 -27.42 39.35 25.81
N GLU C 198 -28.63 39.57 25.31
CA GLU C 198 -28.82 40.24 24.02
C GLU C 198 -27.98 41.53 24.01
N GLY C 199 -27.25 41.75 22.93
CA GLY C 199 -26.47 42.98 22.78
C GLY C 199 -25.00 42.89 23.12
N MET C 200 -24.55 41.74 23.60
CA MET C 200 -23.10 41.49 23.75
C MET C 200 -22.47 41.13 22.44
N PHE C 201 -21.28 41.71 22.15
CA PHE C 201 -20.44 41.35 21.01
C PHE C 201 -19.10 40.75 21.47
N PHE C 202 -18.71 39.67 20.81
CA PHE C 202 -17.43 39.00 21.13
C PHE C 202 -16.95 38.08 20.01
N THR C 203 -15.69 37.67 20.08
CA THR C 203 -15.17 36.71 19.10
C THR C 203 -15.10 35.31 19.66
N VAL C 204 -15.15 34.32 18.75
CA VAL C 204 -14.97 32.93 19.10
C VAL C 204 -13.82 32.43 18.18
N GLU C 205 -12.68 32.09 18.75
CA GLU C 205 -11.44 31.88 17.97
C GLU C 205 -10.59 30.72 18.47
N PRO C 206 -11.15 29.49 18.46
CA PRO C 206 -10.42 28.36 19.00
C PRO C 206 -9.19 27.96 18.16
N MET C 207 -8.15 27.55 18.86
CA MET C 207 -6.95 26.95 18.30
C MET C 207 -6.92 25.52 18.81
N ILE C 208 -6.77 24.59 17.86
CA ILE C 208 -6.80 23.14 18.08
C ILE C 208 -5.47 22.54 17.56
N ASN C 209 -4.81 21.75 18.41
CA ASN C 209 -3.55 21.06 18.08
C ASN C 209 -3.75 19.58 17.71
N ALA C 210 -3.02 19.10 16.69
CA ALA C 210 -3.00 17.67 16.37
C ALA C 210 -2.40 16.83 17.50
N GLY C 211 -1.47 17.40 18.26
CA GLY C 211 -0.83 16.69 19.36
C GLY C 211 -1.21 17.27 20.71
N ASN C 212 -0.18 17.57 21.50
CA ASN C 212 -0.35 18.05 22.89
C ASN C 212 -0.87 19.49 22.92
N TYR C 213 -1.61 19.85 23.97
CA TYR C 213 -2.21 21.19 24.08
C TYR C 213 -1.22 22.32 24.35
N ASP C 214 -0.03 21.97 24.86
CA ASP C 214 0.98 22.93 25.36
C ASP C 214 1.55 23.86 24.28
N THR C 215 1.64 25.16 24.58
CA THR C 215 2.17 26.11 23.60
C THR C 215 3.32 26.93 24.19
N ILE C 216 4.05 27.62 23.30
CA ILE C 216 5.18 28.44 23.67
C ILE C 216 5.10 29.78 22.95
N LEU C 217 5.23 30.87 23.70
CA LEU C 217 5.26 32.23 23.16
C LEU C 217 6.71 32.61 22.88
N SER C 218 6.99 33.05 21.65
CA SER C 218 8.35 33.48 21.29
C SER C 218 8.84 34.63 22.18
N LYS C 219 9.83 34.32 23.02
CA LYS C 219 10.57 35.35 23.78
C LYS C 219 11.22 36.31 22.79
N LEU C 220 11.79 35.72 21.73
CA LEU C 220 12.46 36.48 20.70
C LEU C 220 11.64 37.62 20.10
N ASP C 221 10.49 37.31 19.48
CA ASP C 221 9.68 38.34 18.82
C ASP C 221 8.47 38.86 19.61
N GLY C 222 8.11 38.20 20.70
CA GLY C 222 7.04 38.66 21.60
C GLY C 222 5.61 38.36 21.17
N TRP C 223 5.44 37.73 20.00
CA TRP C 223 4.10 37.48 19.43
C TRP C 223 3.82 36.04 19.02
N THR C 224 4.79 35.43 18.33
CA THR C 224 4.55 34.13 17.69
C THR C 224 4.35 32.96 18.69
N VAL C 225 3.20 32.30 18.60
CA VAL C 225 2.90 31.17 19.48
C VAL C 225 3.03 29.87 18.68
N THR C 226 3.78 28.90 19.20
CA THR C 226 3.94 27.58 18.53
C THR C 226 3.57 26.44 19.47
N THR C 227 3.23 25.27 18.91
CA THR C 227 3.05 24.06 19.74
C THR C 227 4.39 23.59 20.28
N ARG C 228 4.44 23.22 21.56
CA ARG C 228 5.68 22.72 22.17
CA ARG C 228 5.70 22.73 22.14
C ARG C 228 6.20 21.46 21.45
N ASP C 229 5.29 20.51 21.17
CA ASP C 229 5.67 19.28 20.52
C ASP C 229 5.81 19.39 19.00
N LYS C 230 5.67 20.60 18.45
CA LYS C 230 5.79 20.85 17.00
C LYS C 230 4.72 20.16 16.17
N SER C 231 3.61 19.79 16.79
CA SER C 231 2.51 19.24 16.01
C SER C 231 1.77 20.39 15.31
N LEU C 232 0.97 20.02 14.30
CA LEU C 232 0.17 21.01 13.57
C LEU C 232 -0.86 21.69 14.46
N SER C 233 -1.24 22.92 14.13
CA SER C 233 -2.27 23.62 14.88
C SER C 233 -3.13 24.37 13.87
N ALA C 234 -4.44 24.42 14.10
CA ALA C 234 -5.35 25.16 13.21
C ALA C 234 -6.31 26.04 14.02
N GLN C 235 -6.76 27.11 13.40
CA GLN C 235 -7.61 28.13 14.03
C GLN C 235 -8.61 28.68 13.01
N PHE C 236 -9.81 29.01 13.50
CA PHE C 236 -10.78 29.81 12.76
C PHE C 236 -11.32 30.85 13.75
N GLU C 237 -11.83 31.97 13.23
CA GLU C 237 -12.39 33.03 14.09
C GLU C 237 -13.55 33.75 13.43
N HIS C 238 -14.63 33.98 14.20
CA HIS C 238 -15.73 34.86 13.82
C HIS C 238 -15.96 35.90 14.89
N THR C 239 -16.47 37.07 14.45
CA THR C 239 -17.01 38.07 15.34
C THR C 239 -18.54 37.89 15.39
N ILE C 240 -19.11 37.80 16.60
CA ILE C 240 -20.56 37.54 16.70
C ILE C 240 -21.28 38.49 17.67
N GLY C 241 -22.60 38.54 17.56
CA GLY C 241 -23.46 39.31 18.46
C GLY C 241 -24.56 38.42 18.99
N VAL C 242 -24.94 38.65 20.25
CA VAL C 242 -26.10 38.00 20.85
C VAL C 242 -27.40 38.74 20.47
N THR C 243 -28.31 38.04 19.81
CA THR C 243 -29.59 38.58 19.43
C THR C 243 -30.66 38.27 20.50
N LYS C 244 -31.92 38.59 20.22
CA LYS C 244 -33.00 38.34 21.15
C LYS C 244 -33.17 36.84 21.39
N ASP C 245 -32.84 36.08 20.34
CA ASP C 245 -33.21 34.69 20.10
C ASP C 245 -32.03 33.74 20.07
N GLY C 246 -30.86 34.25 19.69
CA GLY C 246 -29.74 33.37 19.34
C GLY C 246 -28.48 34.20 19.12
N PHE C 247 -27.85 34.04 17.96
CA PHE C 247 -26.62 34.75 17.62
C PHE C 247 -26.69 35.29 16.20
N GLU C 248 -25.82 36.26 15.90
CA GLU C 248 -25.59 36.71 14.54
C GLU C 248 -24.08 36.70 14.32
N ILE C 249 -23.62 36.07 13.25
CA ILE C 249 -22.21 36.08 12.85
C ILE C 249 -21.97 37.30 11.94
N PHE C 250 -21.22 38.30 12.43
CA PHE C 250 -20.98 39.54 11.66
C PHE C 250 -20.01 39.36 10.48
N THR C 251 -19.05 38.43 10.66
CA THR C 251 -17.97 38.12 9.71
C THR C 251 -18.30 36.91 8.80
N LEU C 252 -19.59 36.67 8.59
CA LEU C 252 -20.02 35.52 7.79
C LEU C 252 -19.66 35.79 6.36
N SER D 4 9.44 -17.06 -0.69
CA SER D 4 8.92 -15.94 0.15
C SER D 4 7.39 -15.89 0.09
N MET D 5 6.74 -16.11 1.23
CA MET D 5 5.29 -16.18 1.25
C MET D 5 4.58 -14.81 1.38
N ILE D 6 5.32 -13.70 1.48
CA ILE D 6 4.67 -12.38 1.65
C ILE D 6 4.35 -11.72 0.31
N LYS D 7 3.06 -11.50 0.07
CA LYS D 7 2.61 -10.89 -1.17
C LYS D 7 3.16 -9.48 -1.36
N ILE D 8 3.71 -9.23 -2.53
CA ILE D 8 4.17 -7.90 -2.89
C ILE D 8 3.18 -7.29 -3.88
N HIS D 9 2.57 -6.16 -3.51
CA HIS D 9 1.54 -5.56 -4.34
C HIS D 9 2.10 -4.43 -5.21
N THR D 10 1.47 -4.18 -6.35
CA THR D 10 1.86 -3.04 -7.19
C THR D 10 0.88 -1.87 -7.02
N GLU D 11 1.13 -0.79 -7.76
CA GLU D 11 0.35 0.46 -7.64
C GLU D 11 -1.16 0.25 -7.84
N LYS D 12 -1.54 -0.60 -8.81
CA LYS D 12 -2.96 -0.95 -9.05
C LYS D 12 -3.65 -1.43 -7.77
N ASP D 13 -2.94 -2.20 -6.96
CA ASP D 13 -3.43 -2.71 -5.68
C ASP D 13 -3.44 -1.63 -4.58
N PHE D 14 -2.48 -0.71 -4.63
CA PHE D 14 -2.50 0.44 -3.72
C PHE D 14 -3.75 1.26 -3.93
N ILE D 15 -4.08 1.52 -5.20
CA ILE D 15 -5.30 2.28 -5.52
C ILE D 15 -6.54 1.59 -4.90
N LYS D 16 -6.65 0.27 -5.05
CA LYS D 16 -7.80 -0.49 -4.52
C LYS D 16 -7.89 -0.43 -2.98
N MET D 17 -6.74 -0.49 -2.32
CA MET D 17 -6.67 -0.39 -0.85
C MET D 17 -6.88 1.02 -0.31
N ARG D 18 -6.45 2.02 -1.05
CA ARG D 18 -6.81 3.41 -0.72
C ARG D 18 -8.33 3.58 -0.67
N ALA D 19 -9.05 3.05 -1.67
CA ALA D 19 -10.50 3.18 -1.69
C ALA D 19 -11.22 2.44 -0.51
N ALA D 20 -10.77 1.22 -0.22
CA ALA D 20 -11.38 0.44 0.87
C ALA D 20 -11.04 1.05 2.22
N GLY D 21 -9.79 1.48 2.36
CA GLY D 21 -9.33 2.14 3.57
C GLY D 21 -10.09 3.42 3.85
N LYS D 22 -10.26 4.25 2.81
CA LYS D 22 -11.00 5.50 2.93
CA LYS D 22 -11.00 5.51 2.93
C LYS D 22 -12.41 5.24 3.45
N LEU D 23 -13.07 4.23 2.90
CA LEU D 23 -14.45 3.96 3.28
C LEU D 23 -14.53 3.49 4.74
N ALA D 24 -13.61 2.62 5.14
CA ALA D 24 -13.50 2.17 6.54
C ALA D 24 -13.29 3.35 7.47
N ALA D 25 -12.37 4.25 7.11
CA ALA D 25 -12.14 5.46 7.91
C ALA D 25 -13.37 6.39 7.99
N GLU D 26 -14.09 6.52 6.89
CA GLU D 26 -15.27 7.36 6.81
C GLU D 26 -16.42 6.81 7.63
N THR D 27 -16.45 5.50 7.79
CA THR D 27 -17.43 4.83 8.66
C THR D 27 -17.16 5.21 10.14
N LEU D 28 -15.88 5.14 10.52
CA LEU D 28 -15.48 5.55 11.87
C LEU D 28 -15.74 7.06 12.08
N ASP D 29 -15.55 7.86 11.02
CA ASP D 29 -15.87 9.31 11.08
C ASP D 29 -17.35 9.51 11.32
N PHE D 30 -18.14 8.85 10.49
CA PHE D 30 -19.61 8.89 10.54
C PHE D 30 -20.22 8.56 11.91
N ILE D 31 -19.74 7.49 12.53
CA ILE D 31 -20.34 7.00 13.77
C ILE D 31 -20.11 7.98 14.95
N THR D 32 -19.07 8.80 14.87
CA THR D 32 -18.61 9.65 16.00
C THR D 32 -19.73 10.34 16.78
N ASP D 33 -20.58 11.09 16.10
CA ASP D 33 -21.55 11.92 16.83
C ASP D 33 -22.73 11.12 17.42
N HIS D 34 -22.77 9.83 17.09
CA HIS D 34 -23.81 8.91 17.57
C HIS D 34 -23.39 8.26 18.89
N VAL D 35 -22.10 8.32 19.20
CA VAL D 35 -21.58 7.74 20.44
C VAL D 35 -21.91 8.67 21.62
N LYS D 36 -22.89 8.29 22.43
CA LYS D 36 -23.24 9.09 23.62
C LYS D 36 -23.92 8.23 24.68
N PRO D 37 -24.06 8.76 25.92
CA PRO D 37 -24.69 7.97 26.97
C PRO D 37 -26.07 7.48 26.56
N ASN D 38 -26.40 6.28 27.01
CA ASN D 38 -27.73 5.70 26.77
C ASN D 38 -27.97 5.13 25.38
N VAL D 39 -26.94 5.15 24.52
CA VAL D 39 -27.00 4.48 23.21
C VAL D 39 -26.46 3.05 23.36
N THR D 40 -27.07 2.08 22.67
CA THR D 40 -26.57 0.71 22.77
C THR D 40 -25.56 0.47 21.67
N THR D 41 -24.64 -0.46 21.90
CA THR D 41 -23.74 -0.85 20.79
C THR D 41 -24.50 -1.52 19.62
N ASN D 42 -25.65 -2.17 19.87
CA ASN D 42 -26.54 -2.63 18.75
C ASN D 42 -26.99 -1.49 17.86
N SER D 43 -27.38 -0.36 18.47
CA SER D 43 -27.73 0.81 17.65
C SER D 43 -26.57 1.19 16.75
N LEU D 44 -25.37 1.25 17.33
CA LEU D 44 -24.19 1.63 16.59
C LEU D 44 -23.84 0.66 15.45
N ASN D 45 -24.08 -0.62 15.73
CA ASN D 45 -23.84 -1.69 14.76
C ASN D 45 -24.72 -1.51 13.52
N ASP D 46 -26.00 -1.22 13.74
CA ASP D 46 -26.93 -1.04 12.62
C ASP D 46 -26.65 0.22 11.81
N LEU D 47 -26.31 1.32 12.50
CA LEU D 47 -25.89 2.55 11.79
C LEU D 47 -24.68 2.29 10.90
N CYS D 48 -23.68 1.58 11.45
CA CYS D 48 -22.47 1.29 10.66
C CYS D 48 -22.73 0.31 9.50
N HIS D 49 -23.49 -0.75 9.79
CA HIS D 49 -23.80 -1.74 8.78
C HIS D 49 -24.49 -1.11 7.52
N ASN D 50 -25.51 -0.27 7.73
CA ASN D 50 -26.20 0.37 6.62
C ASN D 50 -25.39 1.45 5.89
N PHE D 51 -24.52 2.14 6.64
CA PHE D 51 -23.55 3.06 6.03
C PHE D 51 -22.67 2.28 5.07
N ILE D 52 -22.09 1.16 5.53
CA ILE D 52 -21.23 0.36 4.65
C ILE D 52 -21.97 -0.17 3.41
N THR D 53 -23.14 -0.77 3.60
CA THR D 53 -23.87 -1.38 2.48
C THR D 53 -24.42 -0.33 1.52
N SER D 54 -24.74 0.86 2.02
CA SER D 54 -25.15 1.93 1.12
C SER D 54 -23.99 2.46 0.25
N HIS D 55 -22.76 2.06 0.57
CA HIS D 55 -21.58 2.35 -0.26
C HIS D 55 -21.17 1.16 -1.13
N ASN D 56 -22.13 0.26 -1.38
CA ASN D 56 -21.93 -0.99 -2.12
C ASN D 56 -20.69 -1.78 -1.64
N ALA D 57 -20.49 -1.82 -0.32
CA ALA D 57 -19.43 -2.61 0.28
C ALA D 57 -20.02 -3.60 1.27
N ILE D 58 -19.21 -4.55 1.70
CA ILE D 58 -19.57 -5.63 2.64
C ILE D 58 -18.85 -5.39 3.96
N PRO D 59 -19.55 -5.53 5.13
CA PRO D 59 -18.81 -5.54 6.41
C PRO D 59 -18.21 -6.92 6.65
N ALA D 60 -16.89 -7.00 6.60
CA ALA D 60 -16.14 -8.27 6.75
C ALA D 60 -16.45 -9.11 8.01
N PRO D 61 -16.74 -8.47 9.16
CA PRO D 61 -16.97 -9.29 10.36
C PRO D 61 -18.28 -10.07 10.38
N LEU D 62 -19.23 -9.69 9.53
CA LEU D 62 -20.56 -10.29 9.59
C LEU D 62 -20.50 -11.77 9.19
N ASN D 63 -20.78 -12.65 10.15
CA ASN D 63 -20.59 -14.11 10.00
C ASN D 63 -19.16 -14.57 9.72
N TYR D 64 -18.18 -13.74 10.05
CA TYR D 64 -16.79 -14.15 9.93
C TYR D 64 -16.53 -15.14 11.06
N LYS D 65 -16.24 -16.38 10.66
CA LYS D 65 -16.13 -17.50 11.60
C LYS D 65 -17.33 -17.56 12.57
N GLY D 66 -18.49 -17.14 12.08
CA GLY D 66 -19.69 -17.09 12.92
C GLY D 66 -19.94 -15.82 13.74
N PHE D 67 -19.04 -14.85 13.68
CA PHE D 67 -19.25 -13.58 14.41
C PHE D 67 -20.65 -13.02 14.04
N PRO D 68 -21.49 -12.69 15.05
CA PRO D 68 -22.92 -12.44 14.73
C PRO D 68 -23.28 -11.00 14.37
N LYS D 69 -22.28 -10.11 14.20
CA LYS D 69 -22.56 -8.68 13.95
C LYS D 69 -21.66 -8.10 12.83
N SER D 70 -21.83 -6.82 12.49
CA SER D 70 -21.09 -6.18 11.39
C SER D 70 -19.84 -5.42 11.81
N ILE D 71 -19.76 -5.06 13.11
CA ILE D 71 -18.65 -4.32 13.74
C ILE D 71 -18.35 -4.98 15.11
N CYS D 72 -17.15 -4.73 15.65
CA CYS D 72 -16.83 -5.04 17.04
C CYS D 72 -16.85 -3.79 17.89
N THR D 73 -17.46 -3.90 19.07
CA THR D 73 -17.59 -2.82 20.00
C THR D 73 -17.03 -3.27 21.34
N SER D 74 -15.89 -2.70 21.71
CA SER D 74 -15.17 -3.11 22.93
C SER D 74 -15.13 -2.01 23.99
N ILE D 75 -15.86 -2.22 25.08
CA ILE D 75 -16.05 -1.20 26.11
C ILE D 75 -15.14 -1.42 27.35
N ASN D 76 -14.43 -0.38 27.80
CA ASN D 76 -13.72 -0.41 29.11
C ASN D 76 -12.70 -1.57 29.26
N HIS D 77 -12.96 -2.53 30.14
CA HIS D 77 -12.01 -3.66 30.32
C HIS D 77 -12.09 -4.73 29.23
N VAL D 78 -13.04 -4.59 28.28
CA VAL D 78 -13.03 -5.42 27.07
C VAL D 78 -11.87 -4.97 26.18
N VAL D 79 -11.04 -5.94 25.81
CA VAL D 79 -9.77 -5.72 25.07
C VAL D 79 -9.97 -5.62 23.56
N CYS D 80 -10.72 -6.56 22.98
CA CYS D 80 -11.07 -6.56 21.55
C CYS D 80 -12.21 -7.53 21.32
N HIS D 81 -12.79 -7.44 20.13
CA HIS D 81 -13.80 -8.38 19.60
C HIS D 81 -15.05 -8.45 20.42
N GLY D 82 -15.35 -7.35 21.12
CA GLY D 82 -16.64 -7.26 21.78
C GLY D 82 -17.81 -7.35 20.80
N ILE D 83 -18.89 -7.95 21.26
CA ILE D 83 -20.07 -8.22 20.45
CA ILE D 83 -20.05 -8.19 20.42
C ILE D 83 -21.14 -7.18 20.76
N PRO D 84 -21.58 -6.39 19.74
CA PRO D 84 -22.69 -5.46 19.93
C PRO D 84 -23.90 -6.11 20.61
N ASN D 85 -24.51 -5.38 21.57
CA ASN D 85 -25.63 -5.90 22.36
C ASN D 85 -26.59 -4.76 22.80
N ASP D 86 -27.58 -5.09 23.62
CA ASP D 86 -28.63 -4.18 24.11
CA ASP D 86 -28.56 -4.03 23.99
C ASP D 86 -28.26 -3.31 25.32
N LYS D 87 -27.01 -3.42 25.81
CA LYS D 87 -26.60 -2.69 27.04
C LYS D 87 -26.36 -1.21 26.72
N PRO D 88 -26.93 -0.29 27.51
CA PRO D 88 -26.69 1.12 27.17
C PRO D 88 -25.28 1.59 27.57
N LEU D 89 -24.65 2.39 26.71
CA LEU D 89 -23.37 3.01 27.10
C LEU D 89 -23.61 3.99 28.24
N LYS D 90 -22.63 4.15 29.13
CA LYS D 90 -22.78 5.00 30.30
C LYS D 90 -21.79 6.16 30.24
N ASN D 91 -22.20 7.31 30.78
CA ASN D 91 -21.30 8.44 30.98
C ASN D 91 -20.01 7.98 31.63
N GLY D 92 -18.88 8.31 31.01
CA GLY D 92 -17.57 7.92 31.55
C GLY D 92 -16.94 6.71 30.88
N ASP D 93 -17.74 5.95 30.12
CA ASP D 93 -17.25 4.79 29.36
C ASP D 93 -16.28 5.21 28.26
N ILE D 94 -15.40 4.27 27.91
CA ILE D 94 -14.63 4.36 26.71
C ILE D 94 -15.01 3.16 25.85
N VAL D 95 -15.03 3.35 24.54
CA VAL D 95 -15.41 2.29 23.61
C VAL D 95 -14.54 2.32 22.37
N ASN D 96 -14.01 1.14 21.99
CA ASN D 96 -13.36 0.98 20.69
C ASN D 96 -14.38 0.46 19.67
N ILE D 97 -14.45 1.11 18.50
CA ILE D 97 -15.24 0.59 17.41
C ILE D 97 -14.28 0.19 16.29
N ASP D 98 -14.41 -1.07 15.90
CA ASP D 98 -13.50 -1.71 14.96
C ASP D 98 -14.28 -2.14 13.75
N VAL D 99 -13.85 -1.60 12.61
CA VAL D 99 -14.55 -1.76 11.34
C VAL D 99 -13.64 -2.45 10.32
N THR D 100 -14.20 -3.39 9.56
CA THR D 100 -13.52 -3.84 8.34
C THR D 100 -14.54 -3.89 7.19
N VAL D 101 -14.18 -3.26 6.08
CA VAL D 101 -15.04 -3.19 4.89
C VAL D 101 -14.35 -3.97 3.75
N ILE D 102 -15.15 -4.61 2.90
CA ILE D 102 -14.62 -5.24 1.67
C ILE D 102 -15.26 -4.48 0.54
N LEU D 103 -14.44 -3.81 -0.25
CA LEU D 103 -14.90 -3.01 -1.39
C LEU D 103 -14.17 -3.51 -2.63
N ASP D 104 -14.95 -3.99 -3.60
CA ASP D 104 -14.40 -4.65 -4.79
C ASP D 104 -13.31 -5.69 -4.45
N GLY D 105 -13.57 -6.44 -3.39
CA GLY D 105 -12.70 -7.57 -3.04
C GLY D 105 -11.46 -7.23 -2.22
N TRP D 106 -11.32 -5.97 -1.81
CA TRP D 106 -10.15 -5.53 -1.02
C TRP D 106 -10.59 -5.07 0.36
N TYR D 107 -9.82 -5.42 1.38
CA TYR D 107 -10.20 -5.16 2.77
C TYR D 107 -9.56 -3.88 3.34
N GLY D 108 -10.39 -3.11 4.05
CA GLY D 108 -9.92 -1.95 4.80
C GLY D 108 -10.27 -2.14 6.26
N ASP D 109 -9.26 -2.17 7.15
CA ASP D 109 -9.43 -2.61 8.54
C ASP D 109 -8.94 -1.49 9.47
N THR D 110 -9.83 -0.92 10.30
CA THR D 110 -9.42 0.19 11.17
C THR D 110 -10.28 0.29 12.42
N SER D 111 -9.70 0.71 13.52
CA SER D 111 -10.48 0.91 14.76
C SER D 111 -10.02 2.15 15.46
N ARG D 112 -10.93 2.73 16.25
CA ARG D 112 -10.68 3.96 16.99
C ARG D 112 -11.30 3.88 18.39
N MET D 113 -10.73 4.64 19.34
CA MET D 113 -11.31 4.86 20.67
C MET D 113 -12.28 6.05 20.65
N TYR D 114 -13.38 5.94 21.41
CA TYR D 114 -14.42 6.98 21.50
C TYR D 114 -14.70 7.29 22.97
N TYR D 115 -14.86 8.57 23.30
CA TYR D 115 -15.34 8.94 24.63
C TYR D 115 -16.87 8.85 24.64
N VAL D 116 -17.43 8.30 25.72
CA VAL D 116 -18.88 8.36 25.96
C VAL D 116 -19.14 9.45 27.00
N GLY D 117 -19.69 10.58 26.59
CA GLY D 117 -19.96 11.68 27.52
C GLY D 117 -18.67 12.25 28.10
N ASP D 118 -18.65 12.52 29.41
CA ASP D 118 -17.46 13.07 30.06
C ASP D 118 -16.58 11.93 30.62
N VAL D 119 -15.33 11.92 30.18
CA VAL D 119 -14.38 10.87 30.56
C VAL D 119 -13.30 11.45 31.48
N ALA D 120 -12.89 10.66 32.49
CA ALA D 120 -11.95 11.07 33.53
C ALA D 120 -10.51 11.14 33.02
N ILE D 121 -9.61 11.67 33.85
CA ILE D 121 -8.19 11.83 33.46
C ILE D 121 -7.48 10.51 33.13
N LYS D 122 -7.65 9.49 33.98
CA LYS D 122 -6.95 8.20 33.78
C LYS D 122 -7.30 7.46 32.46
N PRO D 123 -8.60 7.28 32.17
CA PRO D 123 -8.92 6.67 30.85
C PRO D 123 -8.44 7.54 29.67
N LYS D 124 -8.53 8.86 29.79
CA LYS D 124 -8.01 9.72 28.74
C LYS D 124 -6.54 9.48 28.48
N ARG D 125 -5.75 9.38 29.54
CA ARG D 125 -4.32 9.12 29.40
C ARG D 125 -4.03 7.78 28.69
N LEU D 126 -4.76 6.74 29.10
CA LEU D 126 -4.59 5.41 28.53
C LEU D 126 -4.78 5.48 27.01
N ILE D 127 -5.88 6.11 26.59
CA ILE D 127 -6.18 6.30 25.15
C ILE D 127 -5.08 7.09 24.45
N GLN D 128 -4.59 8.15 25.09
CA GLN D 128 -3.55 8.97 24.46
C GLN D 128 -2.25 8.17 24.26
N VAL D 129 -1.81 7.46 25.28
CA VAL D 129 -0.63 6.61 25.12
C VAL D 129 -0.79 5.51 24.05
N THR D 130 -1.95 4.86 24.00
CA THR D 130 -2.24 3.84 23.00
C THR D 130 -2.10 4.39 21.60
N TYR D 131 -2.78 5.52 21.34
CA TYR D 131 -2.68 6.15 20.01
C TYR D 131 -1.21 6.43 19.64
N ASP D 132 -0.49 7.07 20.55
CA ASP D 132 0.91 7.42 20.31
C ASP D 132 1.81 6.18 20.11
N ALA D 133 1.55 5.12 20.88
CA ALA D 133 2.29 3.86 20.77
C ALA D 133 2.10 3.24 19.39
N MET D 134 0.85 3.11 18.94
CA MET D 134 0.54 2.73 17.52
C MET D 134 1.33 3.58 16.52
N MET D 135 1.38 4.91 16.76
CA MET D 135 2.06 5.82 15.81
C MET D 135 3.54 5.58 15.84
N LYS D 136 4.11 5.23 16.99
CA LYS D 136 5.54 4.90 17.03
C LYS D 136 5.83 3.66 16.17
N GLY D 137 4.95 2.66 16.23
CA GLY D 137 5.08 1.43 15.45
C GLY D 137 5.01 1.66 13.93
N ILE D 138 3.99 2.41 13.50
CA ILE D 138 3.85 2.78 12.08
C ILE D 138 5.05 3.62 11.56
N GLU D 139 5.59 4.49 12.42
CA GLU D 139 6.65 5.41 11.99
C GLU D 139 8.01 4.77 11.72
N VAL D 140 8.24 3.55 12.20
CA VAL D 140 9.47 2.80 11.83
C VAL D 140 9.37 2.17 10.44
N VAL D 141 8.15 2.13 9.87
CA VAL D 141 7.88 1.35 8.65
C VAL D 141 8.43 2.02 7.38
N ARG D 142 9.39 1.33 6.76
CA ARG D 142 10.03 1.72 5.50
C ARG D 142 10.80 0.51 4.95
N PRO D 143 11.06 0.49 3.62
CA PRO D 143 11.90 -0.58 3.10
C PRO D 143 13.23 -0.65 3.84
N GLY D 144 13.63 -1.86 4.23
CA GLY D 144 14.89 -2.03 4.95
C GLY D 144 14.77 -2.13 6.47
N ALA D 145 13.68 -1.58 7.04
CA ALA D 145 13.34 -1.81 8.44
C ALA D 145 12.97 -3.28 8.65
N LYS D 146 13.01 -3.75 9.92
CA LYS D 146 12.67 -5.13 10.23
C LYS D 146 11.34 -5.19 10.95
N LEU D 147 10.65 -6.30 10.77
CA LEU D 147 9.32 -6.50 11.30
C LEU D 147 9.32 -6.25 12.81
N GLY D 148 10.33 -6.79 13.48
CA GLY D 148 10.51 -6.63 14.92
C GLY D 148 10.72 -5.20 15.41
N ASP D 149 11.19 -4.30 14.53
CA ASP D 149 11.29 -2.87 14.84
C ASP D 149 9.93 -2.27 15.19
N ILE D 150 8.88 -2.81 14.58
CA ILE D 150 7.53 -2.33 14.84
C ILE D 150 7.10 -2.67 16.27
N GLY D 151 7.19 -3.96 16.61
CA GLY D 151 6.82 -4.44 17.95
C GLY D 151 7.63 -3.75 19.04
N TYR D 152 8.94 -3.62 18.83
CA TYR D 152 9.80 -2.92 19.80
C TYR D 152 9.39 -1.47 20.06
N ALA D 153 9.10 -0.72 19.00
CA ALA D 153 8.68 0.68 19.17
C ALA D 153 7.43 0.80 20.01
N ILE D 154 6.42 -0.04 19.73
CA ILE D 154 5.11 0.02 20.39
C ILE D 154 5.26 -0.33 21.86
N GLN D 155 5.92 -1.46 22.11
CA GLN D 155 6.15 -1.95 23.47
C GLN D 155 6.98 -0.98 24.31
N SER D 156 8.07 -0.46 23.77
CA SER D 156 8.92 0.48 24.53
C SER D 156 8.11 1.67 25.01
N TYR D 157 7.37 2.27 24.08
CA TYR D 157 6.57 3.45 24.32
C TYR D 157 5.46 3.19 25.33
N ALA D 158 4.71 2.11 25.17
CA ALA D 158 3.64 1.82 26.15
C ALA D 158 4.16 1.51 27.56
N GLU D 159 5.18 0.66 27.65
CA GLU D 159 5.73 0.27 28.93
C GLU D 159 6.42 1.45 29.66
N LYS D 160 7.15 2.28 28.92
CA LYS D 160 7.87 3.38 29.57
C LYS D 160 6.88 4.45 30.01
N HIS D 161 5.70 4.45 29.40
CA HIS D 161 4.59 5.28 29.87
C HIS D 161 3.66 4.56 30.88
N ASN D 162 4.18 3.49 31.50
CA ASN D 162 3.59 2.81 32.67
C ASN D 162 2.33 1.95 32.42
N TYR D 163 2.17 1.45 31.19
CA TYR D 163 1.06 0.53 30.87
C TYR D 163 1.65 -0.80 30.36
N SER D 164 0.80 -1.78 30.06
CA SER D 164 1.32 -3.06 29.59
C SER D 164 0.78 -3.43 28.22
N VAL D 165 1.50 -4.35 27.55
CA VAL D 165 1.21 -4.76 26.18
C VAL D 165 0.53 -6.15 26.07
N VAL D 166 -0.65 -6.14 25.45
CA VAL D 166 -1.39 -7.37 25.15
C VAL D 166 -0.62 -8.16 24.09
N ARG D 167 -0.38 -9.44 24.38
CA ARG D 167 0.51 -10.24 23.56
C ARG D 167 -0.12 -11.20 22.56
N ASP D 168 -1.30 -11.72 22.85
CA ASP D 168 -1.78 -12.86 22.06
C ASP D 168 -2.53 -12.52 20.77
N TYR D 169 -2.93 -11.25 20.62
CA TYR D 169 -3.69 -10.82 19.45
C TYR D 169 -2.79 -9.82 18.72
N THR D 170 -2.71 -9.94 17.39
CA THR D 170 -1.69 -9.21 16.62
C THR D 170 -2.31 -8.53 15.39
N GLY D 171 -1.55 -7.63 14.78
CA GLY D 171 -1.83 -7.14 13.44
C GLY D 171 -1.55 -8.25 12.44
N HIS D 172 -1.84 -7.99 11.17
CA HIS D 172 -1.78 -9.04 10.16
C HIS D 172 -1.65 -8.46 8.77
N GLY D 173 -1.03 -9.22 7.86
CA GLY D 173 -1.14 -8.96 6.42
C GLY D 173 -2.59 -8.83 6.02
N ILE D 174 -2.85 -8.03 4.98
CA ILE D 174 -4.22 -7.79 4.53
C ILE D 174 -4.19 -7.39 3.06
N GLY D 175 -5.28 -7.67 2.34
CA GLY D 175 -5.36 -7.33 0.93
C GLY D 175 -6.66 -7.88 0.40
N ARG D 176 -6.57 -8.89 -0.46
CA ARG D 176 -7.75 -9.65 -0.91
C ARG D 176 -8.22 -10.71 0.10
N VAL D 177 -7.44 -10.84 1.17
CA VAL D 177 -7.62 -11.75 2.30
C VAL D 177 -7.77 -10.85 3.54
N PHE D 178 -8.70 -11.17 4.46
CA PHE D 178 -8.82 -10.46 5.74
C PHE D 178 -7.53 -10.55 6.60
N HIS D 179 -7.14 -11.77 6.97
CA HIS D 179 -5.99 -11.99 7.86
C HIS D 179 -4.95 -12.81 7.12
N ASP D 180 -3.86 -12.19 6.68
CA ASP D 180 -2.89 -12.88 5.88
C ASP D 180 -1.55 -12.69 6.60
N LYS D 181 -0.53 -13.32 6.05
CA LYS D 181 0.84 -13.23 6.57
C LYS D 181 1.42 -11.85 6.21
N PRO D 182 2.29 -11.28 7.07
CA PRO D 182 2.81 -11.82 8.32
C PRO D 182 2.03 -11.34 9.56
N SER D 183 2.31 -11.96 10.71
CA SER D 183 1.82 -11.45 11.99
C SER D 183 2.62 -10.22 12.34
N ILE D 184 1.91 -9.15 12.69
CA ILE D 184 2.54 -7.94 13.22
C ILE D 184 2.38 -7.89 14.75
N LEU D 185 3.38 -8.42 15.45
CA LEU D 185 3.41 -8.41 16.91
C LEU D 185 3.48 -6.99 17.51
N ASN D 186 2.86 -6.78 18.67
CA ASN D 186 2.89 -5.50 19.37
C ASN D 186 4.01 -5.42 20.42
N TYR D 187 4.92 -6.39 20.38
CA TYR D 187 6.08 -6.48 21.27
C TYR D 187 7.23 -7.15 20.50
N GLY D 188 8.46 -6.91 20.94
CA GLY D 188 9.59 -7.62 20.32
C GLY D 188 10.92 -6.98 20.62
N ARG D 189 12.00 -7.70 20.30
CA ARG D 189 13.35 -7.18 20.40
C ARG D 189 13.68 -6.48 19.08
N ASN D 190 14.32 -5.31 19.18
CA ASN D 190 14.64 -4.47 18.02
C ASN D 190 15.51 -5.19 16.96
N GLY D 191 15.33 -4.82 15.70
CA GLY D 191 16.18 -5.32 14.61
C GLY D 191 16.05 -6.79 14.23
N THR D 192 15.00 -7.46 14.70
CA THR D 192 14.76 -8.88 14.36
C THR D 192 13.60 -9.10 13.38
N GLY D 193 13.51 -10.32 12.86
CA GLY D 193 12.45 -10.67 11.91
C GLY D 193 12.73 -10.30 10.47
N LEU D 194 11.75 -10.52 9.60
CA LEU D 194 11.93 -10.32 8.17
C LEU D 194 12.02 -8.84 7.79
N THR D 195 12.75 -8.55 6.71
CA THR D 195 12.92 -7.21 6.17
C THR D 195 11.67 -6.72 5.41
N LEU D 196 11.25 -5.50 5.72
CA LEU D 196 10.10 -4.88 5.04
C LEU D 196 10.51 -4.41 3.62
N LYS D 197 9.60 -4.58 2.66
CA LYS D 197 9.81 -4.19 1.26
C LYS D 197 8.64 -3.36 0.77
N GLU D 198 8.91 -2.43 -0.15
CA GLU D 198 7.85 -1.68 -0.79
C GLU D 198 6.81 -2.65 -1.36
N GLY D 199 5.54 -2.40 -1.06
CA GLY D 199 4.46 -3.23 -1.58
C GLY D 199 3.84 -4.22 -0.61
N MET D 200 4.39 -4.34 0.60
CA MET D 200 3.73 -5.11 1.66
C MET D 200 2.60 -4.31 2.30
N PHE D 201 1.46 -4.97 2.53
CA PHE D 201 0.28 -4.36 3.18
C PHE D 201 0.01 -5.11 4.48
N PHE D 202 -0.22 -4.38 5.57
CA PHE D 202 -0.57 -5.02 6.86
C PHE D 202 -1.22 -4.05 7.84
N THR D 203 -1.76 -4.57 8.94
CA THR D 203 -2.30 -3.68 9.97
C THR D 203 -1.36 -3.54 11.16
N VAL D 204 -1.49 -2.44 11.89
CA VAL D 204 -0.82 -2.24 13.16
C VAL D 204 -1.93 -1.95 14.16
N GLU D 205 -2.10 -2.81 15.17
CA GLU D 205 -3.28 -2.75 16.03
C GLU D 205 -3.02 -3.05 17.53
N PRO D 206 -2.13 -2.26 18.17
CA PRO D 206 -1.82 -2.53 19.58
C PRO D 206 -3.03 -2.42 20.52
N MET D 207 -3.11 -3.36 21.48
CA MET D 207 -4.01 -3.26 22.62
C MET D 207 -3.18 -3.07 23.89
N ILE D 208 -3.55 -2.06 24.68
CA ILE D 208 -2.70 -1.61 25.82
C ILE D 208 -3.56 -1.56 27.08
N ASN D 209 -3.07 -2.18 28.15
CA ASN D 209 -3.82 -2.26 29.42
C ASN D 209 -3.28 -1.30 30.48
N ALA D 210 -4.18 -0.64 31.19
CA ALA D 210 -3.78 0.20 32.33
C ALA D 210 -3.18 -0.65 33.45
N GLY D 211 -3.61 -1.91 33.55
CA GLY D 211 -3.10 -2.84 34.56
C GLY D 211 -2.13 -3.89 34.00
N ASN D 212 -2.32 -5.13 34.43
CA ASN D 212 -1.48 -6.25 34.03
C ASN D 212 -1.78 -6.67 32.57
N TYR D 213 -0.76 -7.18 31.88
CA TYR D 213 -0.89 -7.56 30.45
C TYR D 213 -1.87 -8.72 30.15
N ASP D 214 -2.29 -9.45 31.18
CA ASP D 214 -2.91 -10.78 31.01
C ASP D 214 -4.37 -10.67 30.59
N THR D 215 -4.77 -11.47 29.59
CA THR D 215 -6.15 -11.45 29.06
C THR D 215 -6.81 -12.81 29.07
N ILE D 216 -8.14 -12.79 28.97
CA ILE D 216 -8.97 -14.00 28.99
C ILE D 216 -9.97 -13.95 27.84
N LEU D 217 -10.00 -15.01 27.03
CA LEU D 217 -11.01 -15.18 25.98
C LEU D 217 -12.30 -15.78 26.55
N SER D 218 -13.44 -15.19 26.21
CA SER D 218 -14.72 -15.70 26.69
C SER D 218 -15.00 -17.08 26.10
N LYS D 219 -15.03 -18.10 26.95
CA LYS D 219 -15.42 -19.46 26.56
C LYS D 219 -16.91 -19.49 26.16
N LEU D 220 -17.72 -18.66 26.83
CA LEU D 220 -19.15 -18.60 26.54
C LEU D 220 -19.52 -18.09 25.15
N ASP D 221 -18.99 -16.94 24.73
CA ASP D 221 -19.36 -16.40 23.42
C ASP D 221 -18.33 -16.64 22.32
N GLY D 222 -17.16 -17.16 22.69
CA GLY D 222 -16.12 -17.51 21.72
C GLY D 222 -15.34 -16.35 21.12
N TRP D 223 -15.64 -15.10 21.54
CA TRP D 223 -15.02 -13.89 20.94
C TRP D 223 -14.46 -12.84 21.90
N THR D 224 -15.21 -12.50 22.94
CA THR D 224 -14.88 -11.31 23.75
C THR D 224 -13.60 -11.53 24.54
N VAL D 225 -12.62 -10.66 24.36
CA VAL D 225 -11.38 -10.73 25.16
C VAL D 225 -11.44 -9.64 26.23
N THR D 226 -11.21 -9.99 27.51
CA THR D 226 -11.18 -8.99 28.58
C THR D 226 -9.84 -9.07 29.34
N THR D 227 -9.53 -8.03 30.13
CA THR D 227 -8.33 -8.04 30.96
C THR D 227 -8.62 -8.95 32.15
N ARG D 228 -7.65 -9.76 32.54
CA ARG D 228 -7.89 -10.66 33.65
C ARG D 228 -8.13 -9.85 34.92
N ASP D 229 -7.37 -8.77 35.10
CA ASP D 229 -7.51 -7.95 36.31
C ASP D 229 -8.65 -6.91 36.26
N LYS D 230 -9.46 -6.93 35.19
CA LYS D 230 -10.57 -5.97 35.02
C LYS D 230 -10.15 -4.50 34.89
N SER D 231 -8.86 -4.25 34.64
CA SER D 231 -8.36 -2.90 34.31
C SER D 231 -8.79 -2.49 32.87
N LEU D 232 -8.85 -1.18 32.62
CA LEU D 232 -9.18 -0.67 31.28
C LEU D 232 -8.14 -1.07 30.26
N SER D 233 -8.59 -1.28 29.02
CA SER D 233 -7.70 -1.59 27.89
C SER D 233 -8.12 -0.71 26.73
N ALA D 234 -7.15 -0.25 25.93
CA ALA D 234 -7.49 0.60 24.77
C ALA D 234 -6.77 0.09 23.53
N GLN D 235 -7.30 0.40 22.35
CA GLN D 235 -6.78 -0.04 21.08
C GLN D 235 -7.03 0.99 19.94
N PHE D 236 -6.08 1.11 19.00
CA PHE D 236 -6.32 1.78 17.72
C PHE D 236 -5.75 0.85 16.68
N GLU D 237 -6.24 0.98 15.44
CA GLU D 237 -5.76 0.15 14.30
C GLU D 237 -5.81 0.94 12.99
N HIS D 238 -4.75 0.80 12.20
CA HIS D 238 -4.69 1.29 10.82
C HIS D 238 -4.28 0.17 9.90
N THR D 239 -4.74 0.24 8.65
CA THR D 239 -4.25 -0.61 7.57
C THR D 239 -3.23 0.27 6.83
N ILE D 240 -2.02 -0.26 6.65
CA ILE D 240 -0.93 0.52 6.03
C ILE D 240 -0.20 -0.26 4.91
N GLY D 241 0.58 0.49 4.12
CA GLY D 241 1.34 -0.04 2.97
C GLY D 241 2.74 0.54 3.02
N VAL D 242 3.72 -0.28 2.65
CA VAL D 242 5.11 0.15 2.64
C VAL D 242 5.31 0.79 1.26
N THR D 243 5.69 2.07 1.25
CA THR D 243 5.94 2.79 -0.01
C THR D 243 7.42 2.71 -0.37
N LYS D 244 7.82 3.42 -1.44
CA LYS D 244 9.24 3.56 -1.82
C LYS D 244 10.03 4.25 -0.70
N ASP D 245 9.40 5.19 -0.01
CA ASP D 245 9.99 6.13 0.96
C ASP D 245 9.85 5.71 2.44
N GLY D 246 8.65 5.26 2.79
CA GLY D 246 8.29 5.02 4.17
C GLY D 246 7.00 4.22 4.17
N PHE D 247 5.94 4.83 4.64
CA PHE D 247 4.64 4.20 4.81
C PHE D 247 3.51 5.09 4.25
N GLU D 248 2.39 4.44 3.95
CA GLU D 248 1.14 5.12 3.64
C GLU D 248 0.03 4.47 4.49
N ILE D 249 -0.68 5.30 5.26
CA ILE D 249 -1.86 4.86 5.97
C ILE D 249 -3.03 4.88 4.98
N PHE D 250 -3.62 3.72 4.71
CA PHE D 250 -4.80 3.63 3.84
C PHE D 250 -6.10 4.06 4.54
N THR D 251 -6.15 3.84 5.86
CA THR D 251 -7.37 4.11 6.61
C THR D 251 -7.48 5.49 7.25
N LEU D 252 -7.30 6.54 6.43
CA LEU D 252 -7.69 7.91 6.75
C LEU D 252 -8.36 8.59 5.54
MN MN E . -4.86 -26.00 -7.31
MN MN F . -3.29 -26.21 -10.39
NA NA G . 4.16 -37.49 -12.71
P PO4 H . -1.96 -25.93 -7.27
O1 PO4 H . -3.03 -26.20 -8.31
O2 PO4 H . -1.46 -27.23 -6.71
O3 PO4 H . -0.81 -25.16 -7.84
O4 PO4 H . -2.55 -25.18 -6.12
MN MN I . 18.46 -0.46 -16.43
MN MN J . 19.21 -3.66 -17.25
NA NA K . 20.88 -6.34 -30.40
P PO4 L . 16.53 -1.85 -18.08
O1 PO4 L . 16.59 -1.37 -19.54
O2 PO4 L . 17.93 -2.16 -17.55
O3 PO4 L . 15.98 -0.78 -17.17
O4 PO4 L . 15.62 -3.05 -18.05
MN MN M . -9.72 38.13 17.97
MN MN N . -8.26 37.85 14.90
NA NA O . -0.94 26.53 12.54
P PO4 P . -6.86 38.26 17.84
O1 PO4 P . -7.87 37.79 16.81
O2 PO4 P . -6.24 37.09 18.55
O3 PO4 P . -5.79 39.12 17.19
O4 PO4 P . -7.53 39.07 18.89
MN MN Q . -7.08 -6.24 12.06
MN MN R . -9.96 -4.54 12.98
NA NA S . -11.31 -1.57 26.20
P PO4 T . -9.11 -7.64 13.67
O1 PO4 T . -10.44 -7.95 13.00
O2 PO4 T . -8.03 -8.56 13.15
O3 PO4 T . -8.71 -6.23 13.33
O4 PO4 T . -9.27 -7.81 15.14
CL CL U . -8.91 -14.54 6.79
CL CL V . -3.85 -9.95 -1.64
#